data_2FZV
#
_entry.id   2FZV
#
_cell.length_a   117.821
_cell.length_b   117.821
_cell.length_c   154.080
_cell.angle_alpha   90.00
_cell.angle_beta   90.00
_cell.angle_gamma   90.00
#
_symmetry.space_group_name_H-M   'P 43 21 2'
#
loop_
_entity.id
_entity.type
_entity.pdbx_description
1 polymer 'putative arsenical resistance protein'
2 non-polymer 'CALCIUM ION'
3 non-polymer 'CHLORIDE ION'
4 water water
#
_entity_poly.entity_id   1
_entity_poly.type   'polypeptide(L)'
_entity_poly.pdbx_seq_one_letter_code
;MHHHHHHSSGVDLGTENLYFQSNAMRLRHLSDPDSLPALDKSFAIERPALGLAPDAPPVRILLLYGSLRARSFSRLAVEE
AARLLQFFGAETRIFDPSDLPLPDQVQSDDHPAVKELRALSEWSEGQVWCSPERHGQITSVMKAQIDHLPLEMAGIRPTQ
GRTLAVMQVSGGSQSFNAVNTLRLLGRWMRMFTIPNQSSIAKAFQEFDAAGRMKPSPYYDRIADVMEELVRFTALVRPHR
EALTDRYSERKAAGHVIDEATDLSSIAIAPQPLPESETS
;
_entity_poly.pdbx_strand_id   A,B,C,D
#
loop_
_chem_comp.id
_chem_comp.type
_chem_comp.name
_chem_comp.formula
CA non-polymer 'CALCIUM ION' 'Ca 2'
CL non-polymer 'CHLORIDE ION' 'Cl -1'
#
# COMPACT_ATOMS: atom_id res chain seq x y z
N ASN A 23 34.24 -4.57 12.13
CA ASN A 23 33.19 -3.90 12.97
C ASN A 23 33.52 -2.49 13.40
N ALA A 24 32.57 -1.85 14.07
CA ALA A 24 32.72 -0.46 14.51
C ALA A 24 32.31 -0.09 15.96
N MET A 25 31.53 -0.91 16.68
CA MET A 25 31.00 -2.23 16.30
C MET A 25 29.69 -2.11 15.53
N ARG A 26 29.44 -3.07 14.62
CA ARG A 26 28.16 -3.14 13.92
C ARG A 26 27.26 -4.26 14.42
N LEU A 27 27.58 -4.77 15.61
CA LEU A 27 26.72 -5.73 16.27
C LEU A 27 26.32 -5.15 17.62
N ARG A 28 25.03 -5.20 17.93
CA ARG A 28 24.58 -4.73 19.23
C ARG A 28 24.88 -5.77 20.29
N HIS A 29 25.39 -5.31 21.44
CA HIS A 29 25.57 -6.20 22.57
C HIS A 29 24.22 -6.37 23.27
N LEU A 30 23.89 -7.62 23.57
CA LEU A 30 22.64 -7.93 24.27
C LEU A 30 22.89 -7.94 25.77
N SER A 31 22.40 -6.92 26.47
CA SER A 31 22.54 -6.84 27.94
C SER A 31 21.60 -7.82 28.63
N ASP A 32 22.00 -8.26 29.83
CA ASP A 32 21.23 -9.22 30.63
C ASP A 32 20.53 -10.27 29.75
N PRO A 33 21.32 -11.04 28.96
CA PRO A 33 20.69 -11.91 27.97
C PRO A 33 19.84 -13.04 28.55
N ASP A 34 20.18 -13.46 29.76
N ASP A 34 20.14 -13.51 29.75
CA ASP A 34 19.53 -14.58 30.49
CA ASP A 34 19.36 -14.61 30.31
C ASP A 34 18.43 -14.11 31.45
C ASP A 34 18.21 -14.13 31.20
N SER A 35 18.11 -12.81 31.39
CA SER A 35 17.08 -12.23 32.24
C SER A 35 15.78 -12.16 31.48
N LEU A 36 14.83 -13.00 31.86
CA LEU A 36 13.54 -13.07 31.19
C LEU A 36 12.39 -13.03 32.21
N PRO A 37 12.31 -11.95 33.02
CA PRO A 37 11.31 -11.94 34.10
C PRO A 37 9.86 -11.94 33.63
N ALA A 38 9.61 -11.43 32.42
CA ALA A 38 8.27 -11.39 31.84
C ALA A 38 7.85 -12.74 31.26
N LEU A 39 8.77 -13.69 31.24
CA LEU A 39 8.50 -15.03 30.71
C LEU A 39 8.26 -15.99 31.87
N ASP A 40 7.19 -16.78 31.79
CA ASP A 40 6.91 -17.80 32.79
C ASP A 40 7.48 -19.11 32.27
N LYS A 41 8.65 -19.46 32.79
CA LYS A 41 9.35 -20.66 32.35
C LYS A 41 8.61 -21.98 32.55
N SER A 42 7.63 -22.01 33.45
CA SER A 42 6.85 -23.23 33.71
C SER A 42 6.04 -23.67 32.47
N PHE A 43 5.76 -22.74 31.56
CA PHE A 43 5.01 -23.03 30.34
C PHE A 43 5.88 -22.98 29.10
N ALA A 44 7.12 -22.51 29.24
CA ALA A 44 8.02 -22.43 28.10
C ALA A 44 8.66 -23.79 27.79
N ILE A 45 8.74 -24.09 26.51
CA ILE A 45 9.48 -25.25 26.02
C ILE A 45 10.84 -24.68 25.56
N GLU A 46 11.92 -25.07 26.27
CA GLU A 46 13.26 -24.51 26.04
C GLU A 46 13.86 -24.94 24.70
N ARG A 47 13.40 -26.08 24.19
CA ARG A 47 13.81 -26.56 22.87
C ARG A 47 12.57 -26.73 22.01
N PRO A 48 12.02 -25.62 21.51
CA PRO A 48 10.77 -25.69 20.72
C PRO A 48 10.84 -26.62 19.50
N ALA A 49 12.04 -26.79 18.93
CA ALA A 49 12.18 -27.64 17.74
C ALA A 49 12.42 -29.10 18.04
N LEU A 50 12.70 -29.42 19.29
CA LEU A 50 12.92 -30.81 19.68
C LEU A 50 11.71 -31.65 19.31
N GLY A 51 11.93 -32.69 18.51
CA GLY A 51 10.84 -33.51 18.00
C GLY A 51 10.38 -33.10 16.60
N LEU A 52 10.83 -31.93 16.12
CA LEU A 52 10.49 -31.46 14.77
C LEU A 52 11.64 -31.60 13.79
N ALA A 53 12.81 -31.12 14.20
CA ALA A 53 14.01 -31.14 13.39
C ALA A 53 15.23 -30.89 14.29
N PRO A 54 16.43 -31.32 13.86
CA PRO A 54 17.61 -31.12 14.71
C PRO A 54 17.77 -29.66 15.14
N ASP A 55 18.02 -29.44 16.42
CA ASP A 55 18.20 -28.08 16.91
C ASP A 55 19.67 -27.76 17.25
N ALA A 56 20.57 -28.64 16.83
CA ALA A 56 22.01 -28.42 16.94
C ALA A 56 22.62 -28.62 15.54
N PRO A 57 23.55 -27.75 15.12
CA PRO A 57 24.00 -26.56 15.84
C PRO A 57 22.86 -25.55 15.94
N PRO A 58 23.03 -24.50 16.79
CA PRO A 58 21.97 -23.52 17.03
C PRO A 58 21.41 -22.88 15.76
N VAL A 59 20.10 -22.69 15.72
CA VAL A 59 19.50 -21.98 14.59
C VAL A 59 20.10 -20.59 14.64
N ARG A 60 20.49 -20.05 13.48
N ARG A 60 20.49 -20.08 13.48
CA ARG A 60 21.17 -18.75 13.41
CA ARG A 60 21.10 -18.76 13.40
C ARG A 60 20.23 -17.63 12.94
C ARG A 60 20.08 -17.72 12.99
N ILE A 61 19.91 -16.70 13.85
CA ILE A 61 18.94 -15.65 13.57
C ILE A 61 19.58 -14.27 13.50
N LEU A 62 19.39 -13.58 12.36
CA LEU A 62 19.80 -12.18 12.24
C LEU A 62 18.60 -11.29 12.56
N LEU A 63 18.77 -10.32 13.47
CA LEU A 63 17.70 -9.38 13.82
C LEU A 63 18.07 -7.97 13.36
N LEU A 64 17.10 -7.32 12.71
CA LEU A 64 17.27 -5.95 12.21
C LEU A 64 16.19 -5.07 12.80
N TYR A 65 16.57 -3.85 13.15
CA TYR A 65 15.64 -2.86 13.67
C TYR A 65 15.62 -1.59 12.81
N GLY A 66 14.63 -0.72 13.06
CA GLY A 66 14.33 0.35 12.13
C GLY A 66 14.49 1.78 12.59
N SER A 67 15.35 2.01 13.59
CA SER A 67 15.58 3.38 14.04
C SER A 67 16.93 3.55 14.69
N LEU A 68 17.53 4.71 14.45
CA LEU A 68 18.79 5.09 15.09
C LEU A 68 18.58 6.06 16.25
N ARG A 69 17.32 6.34 16.58
CA ARG A 69 16.95 7.21 17.70
C ARG A 69 17.55 6.66 19.00
N ALA A 70 17.94 7.55 19.92
CA ALA A 70 18.57 7.13 21.20
C ALA A 70 17.74 6.10 21.95
N ARG A 71 16.47 6.39 22.21
N ARG A 71 16.47 6.42 22.17
CA ARG A 71 15.59 5.40 22.86
CA ARG A 71 15.52 5.52 22.80
C ARG A 71 14.69 4.78 21.79
C ARG A 71 14.73 4.87 21.65
N SER A 72 15.20 3.73 21.16
CA SER A 72 14.49 3.04 20.07
C SER A 72 13.69 1.85 20.56
N PHE A 73 12.37 1.99 20.57
CA PHE A 73 11.52 0.86 20.97
C PHE A 73 11.60 -0.32 19.99
N SER A 74 11.81 -0.04 18.71
CA SER A 74 12.02 -1.12 17.73
C SER A 74 13.29 -1.90 18.11
N ARG A 75 14.35 -1.20 18.51
CA ARG A 75 15.55 -1.90 18.93
C ARG A 75 15.30 -2.66 20.23
N LEU A 76 14.61 -2.01 21.16
CA LEU A 76 14.32 -2.66 22.46
C LEU A 76 13.48 -3.91 22.33
N ALA A 77 12.50 -3.88 21.42
CA ALA A 77 11.65 -5.06 21.16
C ALA A 77 12.49 -6.19 20.54
N VAL A 78 13.34 -5.84 19.58
CA VAL A 78 14.28 -6.79 18.97
C VAL A 78 15.23 -7.42 20.02
N GLU A 79 15.65 -6.62 21.00
CA GLU A 79 16.51 -7.15 22.05
C GLU A 79 15.75 -8.15 22.93
N GLU A 80 14.49 -7.87 23.24
CA GLU A 80 13.64 -8.87 23.95
C GLU A 80 13.50 -10.13 23.09
N ALA A 81 13.24 -9.94 21.78
CA ALA A 81 13.16 -11.07 20.85
C ALA A 81 14.44 -11.91 20.93
N ALA A 82 15.59 -11.25 20.92
CA ALA A 82 16.88 -11.96 20.94
C ALA A 82 17.07 -12.78 22.24
N ARG A 83 16.68 -12.22 23.39
CA ARG A 83 16.79 -12.94 24.67
C ARG A 83 15.97 -14.21 24.60
N LEU A 84 14.75 -14.08 24.10
CA LEU A 84 13.84 -15.20 23.91
C LEU A 84 14.44 -16.24 22.97
N LEU A 85 14.96 -15.77 21.83
CA LEU A 85 15.59 -16.69 20.88
C LEU A 85 16.75 -17.45 21.52
N GLN A 86 17.60 -16.76 22.27
CA GLN A 86 18.73 -17.46 22.88
C GLN A 86 18.26 -18.47 23.90
N PHE A 87 17.21 -18.13 24.62
CA PHE A 87 16.63 -19.05 25.60
C PHE A 87 16.10 -20.27 24.84
N PHE A 88 15.56 -20.05 23.63
CA PHE A 88 15.06 -21.16 22.79
C PHE A 88 16.17 -21.89 22.01
N GLY A 89 17.42 -21.53 22.29
CA GLY A 89 18.56 -22.27 21.72
C GLY A 89 19.18 -21.69 20.48
N ALA A 90 18.77 -20.48 20.09
CA ALA A 90 19.36 -19.81 18.94
C ALA A 90 20.65 -19.05 19.23
N GLU A 91 21.42 -18.86 18.15
CA GLU A 91 22.55 -17.92 18.14
C GLU A 91 22.01 -16.72 17.38
N THR A 92 22.30 -15.52 17.90
CA THR A 92 21.73 -14.32 17.32
C THR A 92 22.77 -13.29 16.97
N ARG A 93 22.41 -12.41 16.04
CA ARG A 93 23.23 -11.29 15.66
C ARG A 93 22.22 -10.16 15.49
N ILE A 94 22.50 -9.03 16.13
CA ILE A 94 21.66 -7.85 15.96
C ILE A 94 22.52 -6.81 15.28
N PHE A 95 22.18 -6.49 14.02
CA PHE A 95 22.96 -5.53 13.24
C PHE A 95 22.73 -4.10 13.70
N ASP A 96 23.80 -3.33 13.77
CA ASP A 96 23.72 -1.91 14.13
C ASP A 96 23.97 -1.11 12.85
N PRO A 97 22.93 -0.45 12.31
CA PRO A 97 23.07 0.24 11.04
C PRO A 97 23.51 1.72 11.15
N SER A 98 24.12 2.09 12.27
N SER A 98 24.09 2.09 12.29
CA SER A 98 24.50 3.50 12.53
CA SER A 98 24.52 3.47 12.53
C SER A 98 25.45 4.15 11.50
C SER A 98 25.28 4.10 11.37
N ASP A 99 26.21 3.35 10.78
CA ASP A 99 27.05 3.88 9.70
C ASP A 99 26.73 3.30 8.32
N LEU A 100 25.55 2.70 8.19
CA LEU A 100 25.13 2.16 6.89
C LEU A 100 24.82 3.29 5.89
N PRO A 101 25.47 3.28 4.72
CA PRO A 101 25.17 4.32 3.73
C PRO A 101 23.90 3.98 2.96
N LEU A 102 23.32 4.99 2.30
CA LEU A 102 22.20 4.74 1.40
C LEU A 102 22.73 3.96 0.18
N PRO A 103 21.88 3.12 -0.43
CA PRO A 103 22.32 2.44 -1.65
C PRO A 103 22.89 3.41 -2.69
N ASP A 104 24.03 3.04 -3.27
CA ASP A 104 24.76 3.81 -4.29
C ASP A 104 25.33 5.14 -3.81
N GLN A 105 25.30 5.36 -2.50
CA GLN A 105 25.91 6.55 -1.90
C GLN A 105 27.43 6.35 -1.98
N VAL A 106 27.86 5.11 -1.81
CA VAL A 106 29.26 4.72 -2.01
C VAL A 106 29.26 3.90 -3.30
N GLN A 107 30.18 4.19 -4.22
CA GLN A 107 30.28 3.47 -5.50
C GLN A 107 30.26 1.96 -5.32
N SER A 108 29.32 1.31 -6.01
CA SER A 108 29.11 -0.15 -5.96
C SER A 108 28.77 -0.69 -4.56
N ASP A 109 28.44 0.22 -3.65
CA ASP A 109 28.10 -0.14 -2.27
C ASP A 109 29.27 -0.83 -1.56
N ASP A 110 30.48 -0.49 -1.99
CA ASP A 110 31.70 -1.03 -1.40
C ASP A 110 31.98 -0.26 -0.11
N HIS A 111 31.26 -0.64 0.95
CA HIS A 111 31.40 -0.03 2.26
C HIS A 111 31.36 -1.17 3.29
N PRO A 112 32.19 -1.11 4.35
CA PRO A 112 32.19 -2.22 5.32
C PRO A 112 30.86 -2.53 5.97
N ALA A 113 30.00 -1.53 6.12
CA ALA A 113 28.68 -1.76 6.72
C ALA A 113 27.80 -2.63 5.84
N VAL A 114 27.88 -2.38 4.54
CA VAL A 114 27.12 -3.16 3.58
C VAL A 114 27.62 -4.62 3.54
N LYS A 115 28.95 -4.75 3.48
N LYS A 115 28.95 -4.77 3.50
CA LYS A 115 29.61 -6.06 3.45
CA LYS A 115 29.56 -6.10 3.50
C LYS A 115 29.25 -6.87 4.69
C LYS A 115 29.20 -6.87 4.76
N GLU A 116 29.31 -6.24 5.85
N GLU A 116 29.33 -6.23 5.91
CA GLU A 116 28.97 -6.90 7.10
CA GLU A 116 28.97 -6.88 7.16
C GLU A 116 27.51 -7.33 7.14
C GLU A 116 27.51 -7.32 7.15
N LEU A 117 26.61 -6.43 6.72
CA LEU A 117 25.18 -6.75 6.69
C LEU A 117 24.91 -7.94 5.75
N ARG A 118 25.48 -7.92 4.57
CA ARG A 118 25.29 -9.02 3.64
C ARG A 118 25.86 -10.35 4.16
N ALA A 119 27.01 -10.30 4.81
CA ALA A 119 27.64 -11.50 5.39
C ALA A 119 26.76 -12.05 6.50
N LEU A 120 26.23 -11.15 7.32
CA LEU A 120 25.32 -11.54 8.39
C LEU A 120 24.07 -12.22 7.86
N SER A 121 23.55 -11.69 6.74
CA SER A 121 22.35 -12.28 6.12
C SER A 121 22.70 -13.69 5.60
N GLU A 122 23.86 -13.83 4.97
N GLU A 122 23.87 -13.82 4.99
CA GLU A 122 24.30 -15.14 4.48
CA GLU A 122 24.32 -15.11 4.46
C GLU A 122 24.39 -16.15 5.61
C GLU A 122 24.45 -16.14 5.58
N TRP A 123 24.96 -15.69 6.73
CA TRP A 123 25.15 -16.49 7.93
C TRP A 123 23.82 -16.99 8.50
N SER A 124 22.82 -16.10 8.50
CA SER A 124 21.50 -16.44 9.05
C SER A 124 20.80 -17.63 8.39
N GLU A 125 19.94 -18.28 9.17
CA GLU A 125 19.00 -19.30 8.69
C GLU A 125 17.58 -18.77 8.79
N GLY A 126 17.41 -17.75 9.63
CA GLY A 126 16.15 -17.03 9.79
C GLY A 126 16.43 -15.61 10.25
N GLN A 127 15.43 -14.75 10.08
CA GLN A 127 15.58 -13.34 10.46
C GLN A 127 14.38 -12.77 11.18
N VAL A 128 14.62 -11.69 11.92
CA VAL A 128 13.57 -10.91 12.53
C VAL A 128 13.74 -9.46 12.09
N TRP A 129 12.70 -8.88 11.50
CA TRP A 129 12.76 -7.46 11.14
C TRP A 129 11.72 -6.71 11.95
N CYS A 130 12.16 -5.67 12.65
CA CYS A 130 11.25 -4.88 13.47
C CYS A 130 11.37 -3.42 13.13
N SER A 131 10.27 -2.83 12.67
CA SER A 131 10.26 -1.43 12.29
C SER A 131 9.21 -0.59 13.01
N PRO A 132 9.55 0.66 13.33
CA PRO A 132 8.49 1.55 13.80
C PRO A 132 7.59 1.84 12.59
N GLU A 133 6.30 2.08 12.85
CA GLU A 133 5.38 2.53 11.79
C GLU A 133 5.34 4.04 11.91
N ARG A 134 5.87 4.72 10.89
N ARG A 134 5.98 4.70 10.94
CA ARG A 134 5.94 6.17 10.88
CA ARG A 134 6.12 6.15 10.91
C ARG A 134 5.37 6.74 9.60
C ARG A 134 4.86 6.81 10.35
N HIS A 135 4.63 7.83 9.70
N HIS A 135 4.89 7.16 9.07
CA HIS A 135 4.06 8.41 8.49
CA HIS A 135 3.74 7.78 8.43
C HIS A 135 3.29 7.33 7.76
C HIS A 135 2.83 6.69 7.88
N GLY A 136 2.73 6.41 8.54
N GLY A 136 2.75 5.59 8.61
CA GLY A 136 1.97 5.28 8.01
CA GLY A 136 2.03 4.42 8.13
C GLY A 136 2.81 4.35 7.15
C GLY A 136 3.03 3.70 7.25
N GLN A 137 4.09 4.21 7.50
N GLN A 137 4.21 4.29 7.14
CA GLN A 137 5.00 3.37 6.70
CA GLN A 137 5.27 3.75 6.28
C GLN A 137 6.19 2.86 7.54
C GLN A 137 6.58 3.46 7.02
N ILE A 138 7.09 2.10 6.90
N ILE A 138 7.02 2.20 6.96
CA ILE A 138 8.33 1.71 7.58
CA ILE A 138 8.26 1.80 7.61
C ILE A 138 9.36 2.81 7.35
C ILE A 138 9.28 2.92 7.44
N THR A 139 10.33 2.90 8.25
CA THR A 139 11.35 3.96 8.19
C THR A 139 12.36 3.75 7.07
N SER A 140 13.07 4.83 6.73
N SER A 140 13.06 4.84 6.74
CA SER A 140 14.13 4.75 5.70
CA SER A 140 14.12 4.79 5.73
C SER A 140 15.32 3.93 6.22
C SER A 140 15.22 3.86 6.23
N VAL A 141 15.53 3.93 7.53
CA VAL A 141 16.59 3.09 8.13
C VAL A 141 16.26 1.60 7.93
N MET A 142 15.01 1.23 8.16
CA MET A 142 14.56 -0.14 7.93
C MET A 142 14.73 -0.51 6.45
N LYS A 143 14.24 0.36 5.58
CA LYS A 143 14.29 0.08 4.13
C LYS A 143 15.72 0.06 3.58
N ALA A 144 16.61 0.92 4.10
CA ALA A 144 18.00 0.92 3.64
C ALA A 144 18.66 -0.44 3.86
N GLN A 145 18.38 -1.06 5.01
CA GLN A 145 18.95 -2.36 5.32
C GLN A 145 18.40 -3.43 4.37
N ILE A 146 17.08 -3.41 4.18
CA ILE A 146 16.45 -4.35 3.28
C ILE A 146 16.94 -4.15 1.83
N ASP A 147 17.05 -2.88 1.40
CA ASP A 147 17.54 -2.56 0.06
C ASP A 147 18.94 -3.13 -0.23
N HIS A 148 19.78 -3.16 0.81
CA HIS A 148 21.15 -3.65 0.66
C HIS A 148 21.24 -5.17 0.54
N LEU A 149 20.15 -5.86 0.87
CA LEU A 149 20.08 -7.33 0.73
C LEU A 149 19.73 -7.66 -0.73
N PRO A 150 20.63 -8.33 -1.47
CA PRO A 150 20.31 -8.69 -2.86
C PRO A 150 19.66 -10.07 -3.00
N LEU A 151 18.85 -10.27 -4.03
CA LEU A 151 18.28 -11.61 -4.28
C LEU A 151 19.39 -12.57 -4.61
N GLU A 152 20.34 -12.10 -5.41
CA GLU A 152 21.49 -12.90 -5.81
C GLU A 152 22.67 -12.02 -6.15
N MET A 153 23.84 -12.38 -5.65
CA MET A 153 25.05 -11.65 -5.96
C MET A 153 26.24 -12.60 -6.00
N ALA A 154 26.90 -12.64 -7.15
CA ALA A 154 28.03 -13.55 -7.41
C ALA A 154 27.69 -14.97 -6.97
N GLY A 155 26.54 -15.53 -7.52
CA GLY A 155 26.09 -16.89 -7.24
C GLY A 155 25.64 -17.17 -5.82
N ILE A 156 25.49 -16.11 -5.02
CA ILE A 156 25.08 -16.24 -3.62
C ILE A 156 23.70 -15.62 -3.43
N ARG A 157 22.83 -16.33 -2.73
CA ARG A 157 21.46 -15.91 -2.48
C ARG A 157 21.27 -15.78 -0.98
N PRO A 158 21.64 -14.60 -0.40
CA PRO A 158 21.68 -14.47 1.05
C PRO A 158 20.35 -14.32 1.81
N THR A 159 19.21 -14.38 1.12
CA THR A 159 17.92 -14.28 1.78
C THR A 159 17.02 -15.46 1.44
N GLN A 160 17.10 -15.93 0.20
CA GLN A 160 16.16 -16.96 -0.29
C GLN A 160 16.15 -18.24 0.52
N GLY A 161 14.96 -18.74 0.81
CA GLY A 161 14.81 -19.98 1.54
C GLY A 161 15.01 -19.87 3.04
N ARG A 162 15.31 -18.66 3.51
CA ARG A 162 15.43 -18.43 4.94
C ARG A 162 14.07 -18.01 5.52
N THR A 163 13.88 -18.24 6.82
CA THR A 163 12.63 -17.83 7.46
C THR A 163 12.68 -16.38 7.92
N LEU A 164 11.50 -15.82 8.18
CA LEU A 164 11.39 -14.44 8.61
C LEU A 164 10.23 -14.27 9.57
N ALA A 165 10.47 -13.50 10.63
CA ALA A 165 9.40 -13.06 11.54
C ALA A 165 9.37 -11.54 11.47
N VAL A 166 8.18 -10.97 11.40
CA VAL A 166 8.03 -9.52 11.32
C VAL A 166 7.42 -8.91 12.59
N MET A 167 7.90 -7.72 12.95
CA MET A 167 7.47 -7.01 14.15
C MET A 167 7.37 -5.51 13.87
N GLN A 168 6.52 -4.84 14.64
CA GLN A 168 6.45 -3.39 14.57
C GLN A 168 6.13 -2.79 15.94
N VAL A 169 6.41 -1.50 16.07
CA VAL A 169 6.10 -0.76 17.28
C VAL A 169 5.42 0.52 16.86
N SER A 170 4.53 1.02 17.70
N SER A 170 4.51 1.01 17.70
CA SER A 170 3.81 2.24 17.42
CA SER A 170 3.76 2.22 17.43
C SER A 170 3.56 3.02 18.70
C SER A 170 3.55 3.01 18.70
N GLY A 171 3.43 4.33 18.56
CA GLY A 171 3.17 5.22 19.70
C GLY A 171 1.68 5.31 19.97
N GLY A 172 0.89 5.00 18.93
CA GLY A 172 -0.57 5.04 19.01
C GLY A 172 -1.18 3.65 19.13
N SER A 173 -2.44 3.54 18.70
N SER A 173 -2.45 3.54 18.70
CA SER A 173 -3.16 2.27 18.77
CA SER A 173 -3.19 2.29 18.75
C SER A 173 -2.57 1.24 17.80
C SER A 173 -2.61 1.25 17.78
N GLN A 174 -2.89 -0.03 18.05
CA GLN A 174 -2.36 -1.13 17.24
C GLN A 174 -2.74 -1.05 15.77
N SER A 175 -1.73 -1.12 14.93
N SER A 175 -1.71 -1.09 14.93
CA SER A 175 -1.92 -1.11 13.49
CA SER A 175 -1.82 -1.00 13.47
C SER A 175 -0.98 -2.15 12.90
C SER A 175 -0.88 -2.05 12.86
N PHE A 176 -1.08 -2.37 11.60
CA PHE A 176 -0.29 -3.41 10.94
C PHE A 176 0.39 -3.03 9.64
N ASN A 177 0.42 -1.74 9.35
CA ASN A 177 1.01 -1.25 8.09
C ASN A 177 2.49 -1.56 7.97
N ALA A 178 3.23 -1.43 9.07
CA ALA A 178 4.65 -1.74 9.04
C ALA A 178 4.91 -3.24 8.84
N VAL A 179 4.28 -4.10 9.67
CA VAL A 179 4.45 -5.55 9.53
C VAL A 179 4.02 -6.02 8.14
N ASN A 180 2.92 -5.47 7.62
CA ASN A 180 2.44 -5.86 6.29
C ASN A 180 3.50 -5.50 5.24
N THR A 181 4.08 -4.30 5.34
CA THR A 181 5.13 -3.90 4.41
C THR A 181 6.35 -4.83 4.52
N LEU A 182 6.75 -5.13 5.76
CA LEU A 182 7.87 -6.05 6.01
C LEU A 182 7.61 -7.45 5.42
N ARG A 183 6.38 -7.94 5.58
CA ARG A 183 5.98 -9.24 5.06
C ARG A 183 6.10 -9.28 3.53
N LEU A 184 5.64 -8.23 2.87
CA LEU A 184 5.72 -8.16 1.41
C LEU A 184 7.17 -8.05 0.92
N LEU A 185 8.03 -7.37 1.70
CA LEU A 185 9.45 -7.30 1.35
C LEU A 185 10.08 -8.67 1.52
N GLY A 186 9.75 -9.34 2.63
CA GLY A 186 10.27 -10.69 2.88
C GLY A 186 9.88 -11.64 1.74
N ARG A 187 8.68 -11.44 1.21
CA ARG A 187 8.18 -12.26 0.12
C ARG A 187 9.00 -12.04 -1.14
N TRP A 188 9.30 -10.77 -1.44
CA TRP A 188 10.12 -10.42 -2.60
C TRP A 188 11.50 -11.07 -2.47
N MET A 189 12.00 -11.12 -1.25
CA MET A 189 13.31 -11.72 -0.93
C MET A 189 13.22 -13.25 -0.85
N ARG A 190 12.04 -13.77 -1.15
CA ARG A 190 11.77 -15.21 -1.22
C ARG A 190 12.04 -15.92 0.11
N MET A 191 11.70 -15.23 1.21
CA MET A 191 11.82 -15.79 2.55
C MET A 191 10.49 -16.38 2.97
N PHE A 192 10.55 -17.40 3.80
CA PHE A 192 9.36 -18.01 4.36
C PHE A 192 9.00 -17.25 5.62
N THR A 193 8.02 -16.36 5.49
CA THR A 193 7.63 -15.47 6.57
C THR A 193 6.55 -16.14 7.41
N ILE A 194 6.89 -16.42 8.66
CA ILE A 194 5.94 -17.08 9.56
C ILE A 194 4.64 -16.26 9.72
N PRO A 195 3.51 -16.95 9.94
CA PRO A 195 2.23 -16.22 10.07
C PRO A 195 2.12 -15.36 11.33
N ASN A 196 2.61 -15.85 12.48
CA ASN A 196 2.51 -15.04 13.69
C ASN A 196 3.46 -13.84 13.63
N GLN A 197 3.05 -12.75 14.28
CA GLN A 197 3.79 -11.50 14.20
C GLN A 197 3.50 -10.66 15.43
N SER A 198 4.29 -9.61 15.64
CA SER A 198 4.15 -8.74 16.81
C SER A 198 3.88 -7.30 16.40
N SER A 199 2.93 -6.66 17.07
CA SER A 199 2.64 -5.26 16.82
C SER A 199 2.37 -4.58 18.16
N ILE A 200 3.38 -3.91 18.71
CA ILE A 200 3.22 -3.29 20.03
C ILE A 200 2.62 -1.89 19.90
N ALA A 201 1.44 -1.71 20.48
CA ALA A 201 0.73 -0.42 20.49
C ALA A 201 1.16 0.37 21.71
N LYS A 202 1.09 1.70 21.61
CA LYS A 202 1.46 2.59 22.72
C LYS A 202 2.70 2.03 23.42
N ALA A 203 3.73 1.73 22.62
CA ALA A 203 4.95 1.05 23.09
C ALA A 203 5.67 1.74 24.24
N PHE A 204 5.53 3.06 24.36
CA PHE A 204 6.16 3.78 25.45
C PHE A 204 5.71 3.28 26.82
N GLN A 205 4.47 2.77 26.89
CA GLN A 205 3.89 2.22 28.12
C GLN A 205 4.41 0.83 28.48
N GLU A 206 4.98 0.14 27.50
CA GLU A 206 5.39 -1.26 27.65
C GLU A 206 6.85 -1.52 28.04
N PHE A 207 7.68 -0.48 28.03
CA PHE A 207 9.09 -0.62 28.36
C PHE A 207 9.41 0.27 29.52
N ASP A 208 10.25 -0.22 30.43
CA ASP A 208 10.64 0.58 31.60
C ASP A 208 11.88 1.41 31.25
N ALA A 209 12.36 2.18 32.23
CA ALA A 209 13.53 3.05 32.06
C ALA A 209 14.77 2.30 31.59
N ALA A 210 14.93 1.06 32.04
CA ALA A 210 16.07 0.25 31.67
C ALA A 210 15.94 -0.40 30.29
N GLY A 211 14.82 -0.16 29.60
CA GLY A 211 14.60 -0.69 28.26
C GLY A 211 13.97 -2.07 28.22
N ARG A 212 13.48 -2.53 29.37
CA ARG A 212 12.90 -3.86 29.47
C ARG A 212 11.38 -3.85 29.36
N MET A 213 10.87 -4.83 28.62
CA MET A 213 9.47 -4.94 28.38
C MET A 213 8.73 -5.50 29.60
N LYS A 214 7.63 -4.85 29.95
CA LYS A 214 6.77 -5.23 31.06
C LYS A 214 5.96 -6.48 30.68
N PRO A 215 5.64 -7.33 31.69
CA PRO A 215 4.83 -8.53 31.37
C PRO A 215 3.51 -8.05 30.80
N SER A 216 3.09 -8.65 29.69
CA SER A 216 1.85 -8.27 29.01
C SER A 216 1.55 -9.26 27.89
N PRO A 217 0.35 -9.14 27.30
CA PRO A 217 0.02 -9.92 26.11
C PRO A 217 0.96 -9.62 24.95
N TYR A 218 1.49 -8.40 24.88
CA TYR A 218 2.48 -8.05 23.84
C TYR A 218 3.74 -8.87 24.01
N TYR A 219 4.18 -9.05 25.25
CA TYR A 219 5.40 -9.83 25.49
C TYR A 219 5.14 -11.30 25.19
N ASP A 220 4.01 -11.81 25.67
CA ASP A 220 3.67 -13.21 25.41
C ASP A 220 3.63 -13.48 23.90
N ARG A 221 3.13 -12.52 23.13
N ARG A 221 3.13 -12.52 23.13
CA ARG A 221 3.10 -12.60 21.67
CA ARG A 221 3.09 -12.62 21.66
C ARG A 221 4.51 -12.78 21.11
C ARG A 221 4.51 -12.76 21.08
N ILE A 222 5.44 -11.95 21.55
CA ILE A 222 6.84 -12.06 21.08
C ILE A 222 7.39 -13.45 21.40
N ALA A 223 7.09 -13.97 22.61
CA ALA A 223 7.50 -15.31 22.96
C ALA A 223 6.95 -16.34 21.96
N ASP A 224 5.65 -16.23 21.64
CA ASP A 224 5.00 -17.10 20.66
C ASP A 224 5.69 -16.99 19.30
N VAL A 225 5.92 -15.75 18.88
CA VAL A 225 6.52 -15.48 17.57
C VAL A 225 7.93 -16.08 17.48
N MET A 226 8.74 -15.92 18.53
CA MET A 226 10.10 -16.46 18.52
C MET A 226 10.07 -17.99 18.61
N GLU A 227 9.11 -18.51 19.37
CA GLU A 227 8.93 -19.95 19.49
C GLU A 227 8.63 -20.51 18.10
N GLU A 228 7.74 -19.85 17.37
CA GLU A 228 7.33 -20.29 16.03
C GLU A 228 8.50 -20.15 15.07
N LEU A 229 9.24 -19.06 15.18
CA LEU A 229 10.40 -18.83 14.32
C LEU A 229 11.45 -19.91 14.52
N VAL A 230 11.76 -20.26 15.76
CA VAL A 230 12.76 -21.35 15.97
C VAL A 230 12.30 -22.67 15.31
N ARG A 231 11.03 -23.01 15.51
CA ARG A 231 10.49 -24.25 14.95
C ARG A 231 10.58 -24.27 13.44
N PHE A 232 10.11 -23.21 12.79
CA PHE A 232 10.16 -23.16 11.33
C PHE A 232 11.56 -23.06 10.82
N THR A 233 12.42 -22.31 11.50
CA THR A 233 13.82 -22.20 11.05
C THR A 233 14.49 -23.59 11.08
N ALA A 234 14.28 -24.33 12.16
CA ALA A 234 14.87 -25.67 12.26
C ALA A 234 14.29 -26.64 11.22
N LEU A 235 13.01 -26.46 10.91
N LEU A 235 13.00 -26.49 10.93
CA LEU A 235 12.33 -27.33 9.96
CA LEU A 235 12.34 -27.34 9.93
C LEU A 235 12.78 -27.08 8.52
C LEU A 235 12.82 -27.08 8.52
N VAL A 236 12.95 -25.80 8.18
CA VAL A 236 13.31 -25.36 6.81
C VAL A 236 14.79 -25.45 6.46
N ARG A 237 15.64 -25.10 7.42
CA ARG A 237 17.08 -25.02 7.17
C ARG A 237 17.78 -26.19 6.44
N PRO A 238 17.44 -27.45 6.74
CA PRO A 238 18.12 -28.57 6.04
C PRO A 238 17.69 -28.72 4.57
N HIS A 239 16.71 -27.91 4.14
CA HIS A 239 16.16 -28.02 2.80
C HIS A 239 16.20 -26.72 2.03
N ARG A 240 17.04 -25.77 2.47
CA ARG A 240 17.13 -24.49 1.77
C ARG A 240 17.43 -24.64 0.28
N GLU A 241 18.40 -25.49 -0.06
N GLU A 241 18.41 -25.48 -0.06
CA GLU A 241 18.78 -25.73 -1.45
CA GLU A 241 18.77 -25.71 -1.46
C GLU A 241 17.61 -26.30 -2.26
C GLU A 241 17.62 -26.32 -2.27
N ALA A 242 16.99 -27.36 -1.75
CA ALA A 242 15.89 -28.05 -2.45
C ALA A 242 14.71 -27.08 -2.67
N LEU A 243 14.36 -26.34 -1.62
CA LEU A 243 13.26 -25.39 -1.71
C LEU A 243 13.53 -24.26 -2.71
N THR A 244 14.79 -23.97 -2.96
CA THR A 244 15.17 -22.89 -3.89
C THR A 244 15.68 -23.40 -5.23
N ASP A 245 15.48 -24.69 -5.48
CA ASP A 245 15.85 -25.35 -6.73
C ASP A 245 14.57 -25.38 -7.58
N ARG A 246 14.44 -24.40 -8.46
CA ARG A 246 13.19 -24.15 -9.19
C ARG A 246 13.16 -24.65 -10.62
N TYR A 247 12.02 -25.21 -11.00
CA TYR A 247 11.77 -25.68 -12.35
C TYR A 247 12.20 -24.68 -13.44
N SER A 248 11.74 -23.44 -13.33
CA SER A 248 12.00 -22.38 -14.32
C SER A 248 13.49 -22.08 -14.47
N GLU A 249 14.20 -22.13 -13.36
CA GLU A 249 15.63 -21.85 -13.34
C GLU A 249 16.40 -23.01 -13.94
N ARG A 250 15.96 -24.23 -13.65
CA ARG A 250 16.55 -25.41 -14.28
C ARG A 250 16.32 -25.35 -15.79
N LYS A 251 15.12 -24.95 -16.19
CA LYS A 251 14.77 -24.83 -17.59
C LYS A 251 15.62 -23.75 -18.25
N ALA A 252 15.83 -22.64 -17.54
CA ALA A 252 16.64 -21.53 -18.06
C ALA A 252 18.10 -21.93 -18.29
N ALA A 253 18.66 -22.69 -17.34
CA ALA A 253 20.05 -23.16 -17.42
C ALA A 253 20.29 -24.14 -18.57
N GLY A 254 19.22 -24.75 -19.07
CA GLY A 254 19.30 -25.69 -20.19
C GLY A 254 19.94 -27.04 -19.87
N HIS A 255 20.23 -27.81 -20.90
CA HIS A 255 20.83 -29.14 -20.72
C HIS A 255 22.36 -29.09 -20.55
N VAL A 256 22.79 -29.20 -19.29
CA VAL A 256 24.20 -29.20 -18.89
C VAL A 256 24.78 -30.60 -19.14
N ILE A 257 25.97 -30.71 -19.74
CA ILE A 257 26.80 -29.59 -20.23
C ILE A 257 27.28 -29.86 -21.65
N ALA B 24 23.02 27.26 -2.75
CA ALA B 24 22.66 25.80 -2.62
C ALA B 24 23.63 24.90 -3.40
N MET B 25 24.45 24.17 -2.65
CA MET B 25 25.48 23.28 -3.21
C MET B 25 24.91 22.02 -3.88
N ARG B 26 23.85 21.49 -3.29
CA ARG B 26 23.30 20.19 -3.66
C ARG B 26 22.20 20.22 -4.71
N LEU B 27 22.51 20.79 -5.87
CA LEU B 27 21.57 20.82 -6.99
C LEU B 27 22.15 20.10 -8.19
N ARG B 28 21.31 19.36 -8.89
CA ARG B 28 21.74 18.68 -10.12
C ARG B 28 21.74 19.69 -11.24
N HIS B 29 22.75 19.61 -12.10
CA HIS B 29 22.84 20.46 -13.28
C HIS B 29 21.96 19.84 -14.35
N LEU B 30 21.06 20.63 -14.91
CA LEU B 30 20.20 20.15 -15.96
C LEU B 30 20.84 20.49 -17.31
N SER B 31 21.35 19.47 -17.99
CA SER B 31 21.99 19.67 -19.28
C SER B 31 20.96 19.78 -20.39
N ASP B 32 21.33 20.53 -21.43
CA ASP B 32 20.48 20.70 -22.61
C ASP B 32 19.04 21.02 -22.17
N PRO B 33 18.88 22.08 -21.34
CA PRO B 33 17.59 22.37 -20.72
C PRO B 33 16.44 22.71 -21.67
N ASP B 34 16.77 23.29 -22.82
CA ASP B 34 15.77 23.80 -23.74
C ASP B 34 15.52 22.90 -24.95
N SER B 35 16.16 21.74 -24.96
CA SER B 35 15.96 20.81 -26.06
C SER B 35 14.99 19.73 -25.58
N LEU B 36 13.80 19.72 -26.19
CA LEU B 36 12.75 18.74 -25.87
C LEU B 36 12.32 18.02 -27.15
N PRO B 37 13.19 17.15 -27.70
CA PRO B 37 12.88 16.55 -29.02
C PRO B 37 11.66 15.63 -29.02
N ALA B 38 11.29 15.09 -27.86
CA ALA B 38 10.15 14.18 -27.76
C ALA B 38 8.80 14.92 -27.64
N LEU B 39 8.85 16.23 -27.43
CA LEU B 39 7.64 17.04 -27.26
C LEU B 39 7.21 17.62 -28.60
N ASP B 40 5.95 17.39 -28.95
CA ASP B 40 5.36 17.89 -30.19
C ASP B 40 4.88 19.30 -29.88
N LYS B 41 5.64 20.28 -30.32
CA LYS B 41 5.35 21.67 -29.97
C LYS B 41 4.15 22.34 -30.67
N SER B 42 3.51 21.63 -31.59
N SER B 42 3.52 21.61 -31.59
CA SER B 42 2.32 22.14 -32.24
CA SER B 42 2.32 22.09 -32.25
C SER B 42 1.10 21.97 -31.33
C SER B 42 1.11 21.99 -31.31
N PHE B 43 1.26 21.17 -30.27
CA PHE B 43 0.19 20.91 -29.29
C PHE B 43 0.53 21.37 -27.86
N ALA B 44 1.80 21.72 -27.63
CA ALA B 44 2.24 22.17 -26.32
C ALA B 44 1.83 23.63 -26.09
N ILE B 45 1.17 23.90 -24.96
CA ILE B 45 0.83 25.27 -24.57
C ILE B 45 1.99 25.73 -23.68
N GLU B 46 2.70 26.77 -24.12
CA GLU B 46 3.86 27.29 -23.38
C GLU B 46 3.57 27.88 -22.01
N ARG B 47 2.38 28.45 -21.86
N ARG B 47 2.38 28.45 -21.86
CA ARG B 47 1.98 29.01 -20.58
CA ARG B 47 1.94 29.05 -20.61
C ARG B 47 0.63 28.43 -20.17
C ARG B 47 0.61 28.42 -20.18
N PRO B 48 0.66 27.21 -19.56
CA PRO B 48 -0.56 26.49 -19.16
C PRO B 48 -1.43 27.18 -18.12
N ALA B 49 -0.84 28.01 -17.27
CA ALA B 49 -1.56 28.72 -16.22
C ALA B 49 -2.13 30.05 -16.67
N LEU B 50 -1.80 30.49 -17.89
CA LEU B 50 -2.32 31.76 -18.40
C LEU B 50 -3.83 31.75 -18.51
N GLY B 51 -4.47 32.76 -17.94
CA GLY B 51 -5.93 32.87 -17.94
C GLY B 51 -6.53 32.12 -16.76
N LEU B 52 -5.69 31.34 -16.08
CA LEU B 52 -6.09 30.52 -14.96
C LEU B 52 -5.67 31.20 -13.65
N ALA B 53 -4.40 31.59 -13.58
CA ALA B 53 -3.83 32.27 -12.41
C ALA B 53 -2.50 32.93 -12.82
N PRO B 54 -2.06 33.98 -12.10
CA PRO B 54 -0.79 34.64 -12.47
C PRO B 54 0.38 33.66 -12.56
N ASP B 55 1.08 33.67 -13.70
CA ASP B 55 2.24 32.79 -13.89
C ASP B 55 3.58 33.52 -13.75
N ALA B 56 3.53 34.74 -13.22
CA ALA B 56 4.72 35.53 -12.94
C ALA B 56 4.66 35.96 -11.48
N PRO B 57 5.75 35.76 -10.72
CA PRO B 57 7.01 35.15 -11.14
C PRO B 57 6.83 33.65 -11.43
N PRO B 58 7.82 33.02 -12.11
CA PRO B 58 7.70 31.59 -12.43
C PRO B 58 7.32 30.76 -11.21
N VAL B 59 6.44 29.77 -11.41
CA VAL B 59 6.08 28.88 -10.31
C VAL B 59 7.35 28.12 -9.89
N ARG B 60 7.51 27.92 -8.59
CA ARG B 60 8.71 27.29 -8.04
C ARG B 60 8.50 25.83 -7.75
N ILE B 61 9.24 24.99 -8.46
CA ILE B 61 9.12 23.54 -8.31
C ILE B 61 10.42 22.86 -7.93
N LEU B 62 10.34 22.08 -6.84
CA LEU B 62 11.44 21.24 -6.37
C LEU B 62 11.20 19.81 -6.83
N LEU B 63 12.23 19.20 -7.42
CA LEU B 63 12.10 17.82 -7.89
C LEU B 63 13.05 16.94 -7.10
N LEU B 64 12.54 15.79 -6.68
CA LEU B 64 13.29 14.79 -5.93
C LEU B 64 13.27 13.46 -6.67
N TYR B 65 14.42 12.78 -6.68
CA TYR B 65 14.48 11.46 -7.31
C TYR B 65 14.93 10.39 -6.32
N GLY B 66 14.77 9.13 -6.68
CA GLY B 66 14.95 8.05 -5.69
C GLY B 66 16.05 7.03 -5.83
N SER B 67 17.06 7.34 -6.64
CA SER B 67 18.25 6.49 -6.81
C SER B 67 19.50 7.35 -7.00
N LEU B 68 20.62 6.90 -6.42
CA LEU B 68 21.90 7.59 -6.53
C LEU B 68 22.81 6.98 -7.61
N ARG B 69 22.28 5.97 -8.32
CA ARG B 69 23.00 5.27 -9.38
C ARG B 69 23.34 6.25 -10.50
N ALA B 70 24.50 6.09 -11.14
CA ALA B 70 24.90 7.02 -12.20
C ALA B 70 23.86 7.07 -13.32
N ARG B 71 23.46 5.88 -13.79
CA ARG B 71 22.40 5.80 -14.78
C ARG B 71 21.08 5.48 -14.07
N SER B 72 20.54 6.48 -13.40
CA SER B 72 19.28 6.38 -12.68
C SER B 72 18.17 6.82 -13.60
N PHE B 73 17.25 5.90 -13.91
CA PHE B 73 16.11 6.27 -14.75
C PHE B 73 15.14 7.19 -14.02
N SER B 74 15.11 7.11 -12.69
N SER B 74 15.13 7.08 -12.70
CA SER B 74 14.26 8.03 -11.92
CA SER B 74 14.34 7.96 -11.83
C SER B 74 14.85 9.45 -12.03
C SER B 74 14.84 9.41 -11.98
N ARG B 75 16.17 9.58 -11.91
CA ARG B 75 16.78 10.90 -12.05
C ARG B 75 16.57 11.42 -13.47
N LEU B 76 16.82 10.57 -14.45
CA LEU B 76 16.67 10.99 -15.86
C LEU B 76 15.22 11.38 -16.19
N ALA B 77 14.24 10.67 -15.62
CA ALA B 77 12.83 11.03 -15.81
C ALA B 77 12.53 12.37 -15.13
N VAL B 78 13.11 12.59 -13.94
CA VAL B 78 12.98 13.87 -13.24
C VAL B 78 13.59 15.00 -14.06
N GLU B 79 14.73 14.71 -14.69
CA GLU B 79 15.35 15.72 -15.53
C GLU B 79 14.45 16.06 -16.75
N GLU B 80 13.80 15.06 -17.33
CA GLU B 80 12.84 15.34 -18.44
C GLU B 80 11.69 16.20 -17.92
N ALA B 81 11.20 15.85 -16.72
CA ALA B 81 10.13 16.59 -16.05
C ALA B 81 10.55 18.04 -15.88
N ALA B 82 11.79 18.25 -15.43
CA ALA B 82 12.34 19.61 -15.21
C ALA B 82 12.39 20.42 -16.53
N ARG B 83 12.83 19.77 -17.61
CA ARG B 83 12.86 20.45 -18.91
C ARG B 83 11.47 20.89 -19.30
N LEU B 84 10.50 20.00 -19.10
CA LEU B 84 9.09 20.30 -19.41
C LEU B 84 8.57 21.46 -18.57
N LEU B 85 8.86 21.43 -17.27
CA LEU B 85 8.45 22.52 -16.38
C LEU B 85 9.01 23.86 -16.81
N GLN B 86 10.30 23.87 -17.16
CA GLN B 86 10.96 25.08 -17.65
C GLN B 86 10.33 25.57 -18.96
N PHE B 87 10.01 24.64 -19.85
CA PHE B 87 9.30 24.97 -21.08
C PHE B 87 7.95 25.61 -20.73
N PHE B 88 7.29 25.07 -19.71
CA PHE B 88 6.00 25.60 -19.25
C PHE B 88 6.18 26.84 -18.39
N GLY B 89 7.42 27.31 -18.27
CA GLY B 89 7.71 28.57 -17.58
C GLY B 89 7.96 28.52 -16.09
N ALA B 90 8.18 27.33 -15.55
CA ALA B 90 8.47 27.20 -14.13
C ALA B 90 9.97 27.39 -13.88
N GLU B 91 10.30 27.65 -12.62
CA GLU B 91 11.69 27.68 -12.18
C GLU B 91 11.89 26.37 -11.41
N THR B 92 12.95 25.63 -11.74
CA THR B 92 13.15 24.34 -11.09
C THR B 92 14.43 24.17 -10.28
N ARG B 93 14.36 23.27 -9.30
N ARG B 93 14.37 23.28 -9.30
CA ARG B 93 15.52 22.86 -8.52
CA ARG B 93 15.52 22.89 -8.49
C ARG B 93 15.44 21.37 -8.29
C ARG B 93 15.45 21.38 -8.27
N ILE B 94 16.52 20.67 -8.61
CA ILE B 94 16.56 19.20 -8.44
C ILE B 94 17.56 18.94 -7.33
N PHE B 95 17.08 18.41 -6.20
CA PHE B 95 17.96 18.16 -5.07
C PHE B 95 18.85 16.95 -5.33
N ASP B 96 20.14 17.09 -5.02
CA ASP B 96 21.10 15.99 -5.11
C ASP B 96 21.32 15.39 -3.70
N PRO B 97 20.75 14.20 -3.44
CA PRO B 97 20.86 13.55 -2.14
C PRO B 97 22.13 12.67 -1.95
N SER B 98 23.19 12.93 -2.73
N SER B 98 23.18 12.94 -2.72
CA SER B 98 24.40 12.09 -2.67
CA SER B 98 24.41 12.13 -2.68
C SER B 98 25.10 12.02 -1.30
C SER B 98 25.10 12.03 -1.31
N ASP B 99 24.96 13.04 -0.46
CA ASP B 99 25.57 12.98 0.89
C ASP B 99 24.54 13.09 2.01
N LEU B 100 23.28 12.90 1.66
CA LEU B 100 22.18 12.94 2.63
C LEU B 100 22.29 11.78 3.63
N PRO B 101 22.32 12.10 4.94
CA PRO B 101 22.42 11.04 5.92
C PRO B 101 21.05 10.41 6.19
N LEU B 102 21.06 9.19 6.73
CA LEU B 102 19.81 8.59 7.16
C LEU B 102 19.34 9.36 8.38
N PRO B 103 18.02 9.47 8.55
CA PRO B 103 17.52 10.09 9.79
C PRO B 103 18.25 9.56 11.03
N ASP B 104 18.73 10.50 11.86
CA ASP B 104 19.42 10.23 13.13
C ASP B 104 20.81 9.57 13.04
N GLN B 105 21.28 9.40 11.80
CA GLN B 105 22.61 8.86 11.53
C GLN B 105 23.63 9.86 12.06
N VAL B 106 23.35 11.14 11.78
CA VAL B 106 24.13 12.24 12.33
C VAL B 106 23.26 12.88 13.40
N GLN B 107 23.83 13.10 14.59
CA GLN B 107 23.12 13.72 15.71
C GLN B 107 22.15 14.85 15.26
N SER B 108 20.93 14.78 15.81
N SER B 108 20.93 14.85 15.80
CA SER B 108 19.85 15.74 15.58
CA SER B 108 19.91 15.88 15.51
C SER B 108 19.55 16.05 14.10
C SER B 108 19.48 16.09 14.05
N ASP B 109 20.17 15.29 13.20
N ASP B 109 19.39 17.36 13.63
CA ASP B 109 20.06 15.50 11.75
CA ASP B 109 18.90 17.72 12.29
C ASP B 109 20.63 16.83 11.30
C ASP B 109 19.68 18.85 11.61
N ASP B 110 21.39 17.47 12.20
N ASP B 110 20.99 18.93 11.82
CA ASP B 110 22.06 18.73 11.93
CA ASP B 110 21.76 20.07 11.29
C ASP B 110 23.16 18.43 10.93
C ASP B 110 22.81 19.75 10.21
N HIS B 111 22.79 18.53 9.66
CA HIS B 111 23.69 18.17 8.59
C HIS B 111 23.37 19.12 7.43
N PRO B 112 24.41 19.68 6.78
CA PRO B 112 24.18 20.61 5.67
C PRO B 112 23.19 20.10 4.59
N ALA B 113 23.20 18.80 4.31
CA ALA B 113 22.29 18.25 3.31
C ALA B 113 20.83 18.35 3.74
N VAL B 114 20.58 18.13 5.03
CA VAL B 114 19.23 18.22 5.58
C VAL B 114 18.76 19.68 5.57
N LYS B 115 19.63 20.60 5.99
N LYS B 115 19.62 20.59 6.01
CA LYS B 115 19.31 22.03 6.00
CA LYS B 115 19.37 22.04 5.99
C LYS B 115 18.97 22.54 4.60
C LYS B 115 18.98 22.54 4.61
N GLU B 116 19.73 22.09 3.61
CA GLU B 116 19.49 22.48 2.21
C GLU B 116 18.18 21.92 1.64
N LEU B 117 17.91 20.63 1.86
CA LEU B 117 16.67 20.01 1.42
C LEU B 117 15.50 20.73 2.07
N ARG B 118 15.65 21.03 3.36
CA ARG B 118 14.57 21.73 4.07
C ARG B 118 14.32 23.12 3.53
N ALA B 119 15.41 23.84 3.24
CA ALA B 119 15.34 25.18 2.68
C ALA B 119 14.72 25.15 1.28
N LEU B 120 15.13 24.18 0.46
CA LEU B 120 14.56 23.99 -0.88
C LEU B 120 13.03 23.70 -0.83
N SER B 121 12.61 22.90 0.14
CA SER B 121 11.20 22.59 0.30
C SER B 121 10.42 23.88 0.61
N GLU B 122 10.95 24.68 1.55
CA GLU B 122 10.31 25.96 1.90
C GLU B 122 10.21 26.89 0.69
N TRP B 123 11.26 26.91 -0.13
CA TRP B 123 11.32 27.73 -1.36
C TRP B 123 10.25 27.31 -2.35
N SER B 124 10.02 26.01 -2.47
CA SER B 124 9.09 25.45 -3.45
C SER B 124 7.65 25.88 -3.22
N GLU B 125 6.90 25.93 -4.31
CA GLU B 125 5.46 26.19 -4.30
C GLU B 125 4.78 24.88 -4.69
N GLY B 126 5.56 24.03 -5.37
CA GLY B 126 5.11 22.71 -5.79
C GLY B 126 6.31 21.78 -5.87
N GLN B 127 6.04 20.48 -5.89
CA GLN B 127 7.11 19.47 -5.94
C GLN B 127 6.78 18.30 -6.85
N VAL B 128 7.83 17.61 -7.29
CA VAL B 128 7.71 16.36 -8.05
C VAL B 128 8.56 15.32 -7.31
N TRP B 129 7.97 14.17 -7.03
CA TRP B 129 8.72 13.10 -6.40
C TRP B 129 8.69 11.92 -7.33
N CYS B 130 9.88 11.42 -7.67
CA CYS B 130 9.98 10.30 -8.58
C CYS B 130 10.82 9.19 -7.98
N SER B 131 10.22 8.02 -7.79
CA SER B 131 10.95 6.89 -7.20
C SER B 131 10.98 5.64 -8.10
N PRO B 132 12.12 4.92 -8.11
CA PRO B 132 12.10 3.61 -8.73
C PRO B 132 11.61 2.63 -7.65
N GLU B 133 11.62 1.34 -7.98
CA GLU B 133 11.30 0.31 -7.01
C GLU B 133 12.54 -0.51 -6.68
N ARG B 134 12.73 -0.83 -5.40
CA ARG B 134 13.79 -1.73 -4.96
C ARG B 134 13.02 -2.76 -4.15
N HIS B 135 13.13 -4.02 -4.57
CA HIS B 135 12.38 -5.10 -3.96
C HIS B 135 10.88 -4.80 -4.03
N GLY B 136 10.49 -4.13 -5.11
CA GLY B 136 9.09 -3.82 -5.44
C GLY B 136 8.44 -2.67 -4.70
N GLN B 137 9.26 -1.89 -3.98
N GLN B 137 9.23 -1.88 -3.97
CA GLN B 137 8.75 -0.78 -3.16
CA GLN B 137 8.68 -0.78 -3.18
C GLN B 137 9.57 0.50 -3.30
C GLN B 137 9.58 0.45 -3.22
N ILE B 138 9.06 1.57 -2.70
N ILE B 138 9.03 1.61 -2.86
CA ILE B 138 9.75 2.86 -2.65
CA ILE B 138 9.80 2.84 -2.85
C ILE B 138 11.17 2.65 -2.13
C ILE B 138 11.17 2.60 -2.22
N THR B 139 12.17 3.32 -2.71
CA THR B 139 13.55 3.17 -2.25
C THR B 139 13.85 3.89 -0.92
N SER B 140 14.89 3.43 -0.22
CA SER B 140 15.33 4.11 0.97
C SER B 140 15.84 5.53 0.66
N VAL B 141 16.43 5.73 -0.51
CA VAL B 141 16.92 7.07 -0.95
C VAL B 141 15.74 8.04 -1.03
N MET B 142 14.64 7.59 -1.64
CA MET B 142 13.43 8.36 -1.74
C MET B 142 12.82 8.65 -0.35
N LYS B 143 12.65 7.59 0.45
N LYS B 143 12.67 7.61 0.47
CA LYS B 143 12.10 7.69 1.81
CA LYS B 143 12.08 7.73 1.81
C LYS B 143 12.92 8.63 2.69
C LYS B 143 12.92 8.59 2.76
N ALA B 144 14.25 8.50 2.61
CA ALA B 144 15.17 9.31 3.42
C ALA B 144 14.90 10.80 3.23
N GLN B 145 14.70 11.20 1.98
CA GLN B 145 14.46 12.62 1.66
C GLN B 145 13.15 13.10 2.26
N ILE B 146 12.11 12.30 2.06
CA ILE B 146 10.78 12.64 2.58
C ILE B 146 10.76 12.68 4.11
N ASP B 147 11.43 11.70 4.73
CA ASP B 147 11.58 11.60 6.19
C ASP B 147 12.22 12.86 6.78
N HIS B 148 13.12 13.47 6.03
CA HIS B 148 13.83 14.68 6.47
C HIS B 148 12.99 15.96 6.33
N LEU B 149 11.82 15.87 5.72
CA LEU B 149 10.90 17.01 5.64
C LEU B 149 9.97 16.95 6.85
N PRO B 150 9.99 17.97 7.71
CA PRO B 150 9.09 17.97 8.86
C PRO B 150 7.78 18.71 8.58
N LEU B 151 6.74 18.40 9.35
N LEU B 151 6.76 18.41 9.38
CA LEU B 151 5.46 19.09 9.23
CA LEU B 151 5.47 19.08 9.26
C LEU B 151 5.59 20.52 9.76
C LEU B 151 5.58 20.52 9.76
N GLU B 152 6.33 20.67 10.85
N GLU B 152 6.35 20.70 10.83
CA GLU B 152 6.59 21.96 11.47
CA GLU B 152 6.57 22.01 11.44
C GLU B 152 8.01 22.02 12.01
C GLU B 152 7.95 22.05 12.09
N MET B 153 8.60 23.20 12.01
CA MET B 153 9.94 23.41 12.59
C MET B 153 10.25 24.89 12.76
N ALA B 154 10.24 25.34 14.02
CA ALA B 154 10.48 26.74 14.38
C ALA B 154 9.51 27.70 13.65
N GLY B 155 8.23 27.34 13.70
CA GLY B 155 7.16 28.14 13.08
C GLY B 155 7.04 28.04 11.56
N ILE B 156 7.79 27.10 10.98
N ILE B 156 7.76 27.09 10.97
CA ILE B 156 7.71 26.88 9.54
CA ILE B 156 7.78 26.89 9.52
C ILE B 156 7.05 25.54 9.24
C ILE B 156 7.20 25.51 9.14
N ARG B 157 6.33 25.50 8.12
CA ARG B 157 5.68 24.30 7.63
C ARG B 157 6.09 24.17 6.16
N PRO B 158 7.27 23.56 5.90
CA PRO B 158 7.87 23.53 4.56
C PRO B 158 7.19 22.70 3.46
N THR B 159 6.18 21.90 3.81
CA THR B 159 5.48 21.10 2.78
C THR B 159 4.00 21.44 2.68
N GLN B 160 3.42 21.95 3.75
CA GLN B 160 1.97 22.19 3.78
C GLN B 160 1.50 23.23 2.79
N GLY B 161 0.39 22.93 2.11
CA GLY B 161 -0.23 23.85 1.16
C GLY B 161 0.53 24.00 -0.15
N ARG B 162 1.39 23.03 -0.45
CA ARG B 162 2.11 23.01 -1.70
C ARG B 162 1.52 21.88 -2.53
N THR B 163 1.68 21.96 -3.84
CA THR B 163 1.18 20.90 -4.71
C THR B 163 2.26 19.84 -4.85
N LEU B 164 1.86 18.68 -5.34
CA LEU B 164 2.78 17.56 -5.53
C LEU B 164 2.33 16.73 -6.72
N ALA B 165 3.30 16.32 -7.54
CA ALA B 165 3.08 15.38 -8.62
C ALA B 165 3.97 14.16 -8.34
N VAL B 166 3.39 12.97 -8.48
CA VAL B 166 4.14 11.74 -8.22
C VAL B 166 4.41 10.94 -9.49
N MET B 167 5.60 10.32 -9.51
CA MET B 167 6.06 9.60 -10.68
C MET B 167 6.84 8.39 -10.21
N GLN B 168 6.86 7.36 -11.03
CA GLN B 168 7.76 6.24 -10.76
C GLN B 168 8.29 5.64 -12.05
N VAL B 169 9.33 4.82 -11.90
CA VAL B 169 9.91 4.08 -13.01
C VAL B 169 10.10 2.66 -12.49
N SER B 170 10.22 1.70 -13.40
N SER B 170 10.21 1.69 -13.39
CA SER B 170 10.48 0.31 -13.03
CA SER B 170 10.53 0.31 -13.00
C SER B 170 11.18 -0.39 -14.18
C SER B 170 11.10 -0.45 -14.18
N GLY B 171 11.81 -1.52 -13.88
CA GLY B 171 12.49 -2.33 -14.90
C GLY B 171 11.57 -3.31 -15.63
N GLY B 172 10.35 -3.49 -15.11
CA GLY B 172 9.41 -4.45 -15.71
C GLY B 172 8.08 -3.85 -16.11
N SER B 173 7.04 -4.68 -16.05
CA SER B 173 5.67 -4.29 -16.39
C SER B 173 5.26 -3.09 -15.53
N GLN B 174 4.47 -2.19 -16.09
CA GLN B 174 4.05 -0.96 -15.40
C GLN B 174 3.51 -1.24 -14.00
N SER B 175 4.06 -0.52 -13.03
CA SER B 175 3.72 -0.72 -11.62
C SER B 175 3.23 0.60 -11.01
N PHE B 176 2.42 0.50 -9.96
CA PHE B 176 1.93 1.69 -9.25
C PHE B 176 2.23 1.71 -7.74
N ASN B 177 2.92 0.67 -7.26
N ASN B 177 2.94 0.70 -7.25
CA ASN B 177 3.30 0.57 -5.84
CA ASN B 177 3.25 0.57 -5.83
C ASN B 177 3.97 1.82 -5.31
C ASN B 177 4.06 1.74 -5.24
N ALA B 178 4.96 2.29 -6.05
CA ALA B 178 5.79 3.43 -5.64
C ALA B 178 4.97 4.73 -5.68
N VAL B 179 4.31 5.01 -6.80
CA VAL B 179 3.48 6.23 -6.85
C VAL B 179 2.40 6.24 -5.77
N ASN B 180 1.79 5.08 -5.52
CA ASN B 180 0.75 5.02 -4.50
C ASN B 180 1.29 5.35 -3.12
N THR B 181 2.49 4.86 -2.80
CA THR B 181 3.13 5.16 -1.52
C THR B 181 3.47 6.64 -1.44
N LEU B 182 4.02 7.16 -2.54
CA LEU B 182 4.37 8.57 -2.64
C LEU B 182 3.14 9.44 -2.43
N ARG B 183 2.02 9.03 -3.02
CA ARG B 183 0.77 9.76 -2.86
C ARG B 183 0.34 9.80 -1.38
N LEU B 184 0.46 8.66 -0.69
CA LEU B 184 0.13 8.63 0.75
C LEU B 184 1.08 9.49 1.59
N LEU B 185 2.36 9.51 1.23
CA LEU B 185 3.32 10.33 1.95
C LEU B 185 3.01 11.81 1.76
N GLY B 186 2.67 12.19 0.53
CA GLY B 186 2.32 13.58 0.18
C GLY B 186 1.10 14.02 0.98
N ARG B 187 0.17 13.09 1.17
CA ARG B 187 -1.04 13.38 1.96
C ARG B 187 -0.66 13.62 3.42
N TRP B 188 0.20 12.76 3.95
CA TRP B 188 0.68 12.91 5.31
C TRP B 188 1.35 14.27 5.45
N MET B 189 2.10 14.68 4.42
CA MET B 189 2.79 15.96 4.41
C MET B 189 1.85 17.14 4.10
N ARG B 190 0.56 16.84 4.01
N ARG B 190 0.56 16.84 4.01
CA ARG B 190 -0.50 17.82 3.76
CA ARG B 190 -0.53 17.80 3.76
C ARG B 190 -0.37 18.59 2.45
C ARG B 190 -0.39 18.59 2.46
N MET B 191 0.11 17.90 1.43
CA MET B 191 0.30 18.46 0.09
C MET B 191 -0.89 18.14 -0.81
N PHE B 192 -1.18 19.05 -1.73
CA PHE B 192 -2.26 18.86 -2.69
C PHE B 192 -1.66 18.10 -3.85
N THR B 193 -1.90 16.78 -3.84
CA THR B 193 -1.32 15.89 -4.83
C THR B 193 -2.22 15.81 -6.04
N ILE B 194 -1.69 16.22 -7.18
CA ILE B 194 -2.47 16.23 -8.41
C ILE B 194 -2.88 14.81 -8.82
N PRO B 195 -4.06 14.68 -9.45
CA PRO B 195 -4.52 13.34 -9.82
C PRO B 195 -3.66 12.64 -10.88
N ASN B 196 -3.18 13.38 -11.88
CA ASN B 196 -2.40 12.74 -12.94
C ASN B 196 -1.02 12.34 -12.43
N GLN B 197 -0.49 11.24 -12.97
CA GLN B 197 0.79 10.70 -12.54
C GLN B 197 1.46 9.91 -13.66
N SER B 198 2.73 9.60 -13.46
CA SER B 198 3.54 8.90 -14.44
C SER B 198 4.14 7.64 -13.83
N SER B 199 4.09 6.56 -14.61
CA SER B 199 4.73 5.31 -14.28
C SER B 199 5.38 4.75 -15.56
N ILE B 200 6.70 4.83 -15.65
CA ILE B 200 7.41 4.34 -16.83
C ILE B 200 7.70 2.85 -16.66
N ALA B 201 7.17 2.04 -17.57
CA ALA B 201 7.43 0.60 -17.58
C ALA B 201 8.71 0.34 -18.37
N LYS B 202 9.43 -0.74 -18.00
CA LYS B 202 10.69 -1.11 -18.68
C LYS B 202 11.50 0.13 -19.04
N ALA B 203 11.72 0.99 -18.04
CA ALA B 203 12.37 2.28 -18.19
C ALA B 203 13.64 2.28 -19.02
N PHE B 204 14.48 1.27 -18.83
CA PHE B 204 15.74 1.12 -19.59
C PHE B 204 15.58 1.17 -21.12
N GLN B 205 14.40 0.80 -21.61
CA GLN B 205 14.10 0.81 -23.05
C GLN B 205 13.74 2.21 -23.56
N GLU B 206 13.40 3.10 -22.63
CA GLU B 206 12.93 4.45 -22.98
C GLU B 206 14.00 5.54 -23.03
N PHE B 207 15.16 5.26 -22.46
CA PHE B 207 16.27 6.23 -22.39
C PHE B 207 17.46 5.82 -23.25
N ASP B 208 18.03 6.78 -23.99
CA ASP B 208 19.17 6.52 -24.83
C ASP B 208 20.50 6.69 -24.07
N ALA B 209 21.62 6.45 -24.77
CA ALA B 209 22.94 6.57 -24.16
C ALA B 209 23.14 7.95 -23.51
N ALA B 210 22.51 8.97 -24.08
CA ALA B 210 22.60 10.35 -23.58
C ALA B 210 21.63 10.67 -22.43
N GLY B 211 20.87 9.67 -21.99
CA GLY B 211 19.92 9.84 -20.89
C GLY B 211 18.64 10.56 -21.28
N ARG B 212 18.34 10.60 -22.57
CA ARG B 212 17.13 11.27 -23.02
C ARG B 212 16.04 10.25 -23.36
N MET B 213 14.80 10.60 -23.04
CA MET B 213 13.64 9.75 -23.36
C MET B 213 13.30 9.88 -24.82
N LYS B 214 13.00 8.75 -25.45
CA LYS B 214 12.57 8.76 -26.84
C LYS B 214 11.08 9.09 -26.86
N PRO B 215 10.57 9.57 -28.02
CA PRO B 215 9.13 9.84 -28.06
C PRO B 215 8.31 8.59 -27.71
N SER B 216 7.28 8.77 -26.89
CA SER B 216 6.45 7.66 -26.44
C SER B 216 5.23 8.14 -25.66
N PRO B 217 4.27 7.24 -25.40
CA PRO B 217 3.17 7.62 -24.53
C PRO B 217 3.65 7.98 -23.13
N TYR B 218 4.74 7.36 -22.68
CA TYR B 218 5.30 7.68 -21.35
C TYR B 218 5.75 9.11 -21.30
N TYR B 219 6.47 9.56 -22.32
CA TYR B 219 6.91 10.93 -22.37
C TYR B 219 5.70 11.89 -22.39
N ASP B 220 4.72 11.60 -23.23
CA ASP B 220 3.53 12.46 -23.35
C ASP B 220 2.79 12.56 -22.01
N ARG B 221 2.82 11.46 -21.25
CA ARG B 221 2.21 11.42 -19.93
C ARG B 221 2.93 12.38 -18.98
N ILE B 222 4.25 12.36 -18.99
CA ILE B 222 5.03 13.29 -18.17
C ILE B 222 4.70 14.75 -18.54
N ALA B 223 4.61 15.04 -19.85
CA ALA B 223 4.20 16.38 -20.31
C ALA B 223 2.85 16.77 -19.71
N ASP B 224 1.87 15.87 -19.78
CA ASP B 224 0.55 16.08 -19.17
C ASP B 224 0.63 16.34 -17.67
N VAL B 225 1.48 15.56 -17.00
CA VAL B 225 1.64 15.69 -15.56
C VAL B 225 2.22 17.05 -15.17
N MET B 226 3.26 17.48 -15.87
CA MET B 226 3.90 18.76 -15.58
C MET B 226 2.98 19.94 -15.94
N GLU B 227 2.23 19.79 -17.03
CA GLU B 227 1.27 20.80 -17.46
C GLU B 227 0.24 20.99 -16.34
N GLU B 228 -0.26 19.87 -15.81
CA GLU B 228 -1.23 19.88 -14.73
C GLU B 228 -0.63 20.43 -13.45
N LEU B 229 0.62 20.06 -13.16
CA LEU B 229 1.30 20.61 -11.98
C LEU B 229 1.44 22.13 -12.08
N VAL B 230 1.90 22.63 -13.24
CA VAL B 230 2.02 24.08 -13.39
C VAL B 230 0.69 24.80 -13.14
N ARG B 231 -0.38 24.32 -13.76
CA ARG B 231 -1.71 24.88 -13.58
C ARG B 231 -2.16 24.89 -12.12
N PHE B 232 -2.06 23.74 -11.45
CA PHE B 232 -2.50 23.69 -10.05
C PHE B 232 -1.61 24.47 -9.09
N THR B 233 -0.30 24.50 -9.38
CA THR B 233 0.64 25.27 -8.54
C THR B 233 0.34 26.76 -8.64
N ALA B 234 0.14 27.26 -9.86
CA ALA B 234 -0.18 28.67 -10.03
C ALA B 234 -1.48 29.05 -9.31
N LEU B 235 -2.44 28.12 -9.32
CA LEU B 235 -3.73 28.33 -8.69
C LEU B 235 -3.69 28.32 -7.16
N VAL B 236 -2.92 27.40 -6.60
CA VAL B 236 -2.82 27.20 -5.16
C VAL B 236 -1.88 28.18 -4.43
N ARG B 237 -0.75 28.52 -5.06
CA ARG B 237 0.28 29.34 -4.38
C ARG B 237 -0.13 30.66 -3.69
N PRO B 238 -1.04 31.46 -4.28
CA PRO B 238 -1.38 32.72 -3.60
C PRO B 238 -2.19 32.53 -2.32
N HIS B 239 -2.62 31.30 -2.07
CA HIS B 239 -3.49 31.00 -0.93
C HIS B 239 -2.94 29.92 0.00
N ARG B 240 -1.62 29.74 0.00
CA ARG B 240 -1.00 28.74 0.88
C ARG B 240 -1.36 28.95 2.37
N GLU B 241 -1.28 30.20 2.83
N GLU B 241 -1.28 30.20 2.83
CA GLU B 241 -1.58 30.53 4.22
CA GLU B 241 -1.58 30.53 4.22
C GLU B 241 -3.05 30.29 4.56
C GLU B 241 -3.05 30.29 4.56
N ALA B 242 -3.95 30.66 3.65
CA ALA B 242 -5.41 30.47 3.86
C ALA B 242 -5.80 29.00 3.91
N LEU B 243 -5.33 28.22 2.92
CA LEU B 243 -5.60 26.78 2.88
C LEU B 243 -5.07 26.06 4.12
N THR B 244 -4.07 26.65 4.77
CA THR B 244 -3.44 26.05 5.95
C THR B 244 -3.84 26.75 7.25
N ASP B 245 -4.92 27.54 7.20
CA ASP B 245 -5.48 28.24 8.36
C ASP B 245 -6.67 27.42 8.84
N ARG B 246 -6.40 26.52 9.77
CA ARG B 246 -7.38 25.52 10.19
C ARG B 246 -8.11 25.80 11.50
N TYR B 247 -9.40 25.52 11.47
CA TYR B 247 -10.29 25.66 12.61
C TYR B 247 -9.72 25.06 13.89
N SER B 248 -9.35 23.78 13.84
CA SER B 248 -8.84 23.07 15.01
C SER B 248 -7.54 23.67 15.54
N GLU B 249 -6.76 24.28 14.63
CA GLU B 249 -5.50 24.91 15.00
C GLU B 249 -5.72 26.28 15.65
N ARG B 250 -6.67 27.05 15.12
CA ARG B 250 -7.04 28.32 15.73
C ARG B 250 -7.62 28.08 17.13
N LYS B 251 -8.42 27.02 17.26
CA LYS B 251 -9.05 26.67 18.54
C LYS B 251 -7.99 26.32 19.59
N ALA B 252 -7.01 25.53 19.17
CA ALA B 252 -5.92 25.10 20.06
C ALA B 252 -5.03 26.24 20.51
N ALA B 253 -4.74 27.17 19.60
CA ALA B 253 -3.91 28.33 19.89
C ALA B 253 -4.68 29.41 20.66
N GLY B 254 -6.00 29.43 20.47
CA GLY B 254 -6.86 30.41 21.10
C GLY B 254 -7.04 31.66 20.25
N HIS B 255 -6.80 31.52 18.95
CA HIS B 255 -6.97 32.65 18.03
C HIS B 255 -8.44 32.85 17.65
N VAL B 256 -9.12 33.66 18.46
CA VAL B 256 -10.54 33.98 18.27
C VAL B 256 -10.71 34.83 17.01
N ILE B 257 -11.65 34.43 16.15
CA ILE B 257 -11.93 35.14 14.90
C ILE B 257 -12.90 36.31 15.10
N ASP B 258 -12.41 37.51 14.84
CA ASP B 258 -13.21 38.73 14.92
C ASP B 258 -13.50 39.27 13.52
N GLU B 259 -14.69 38.96 13.02
CA GLU B 259 -15.13 39.41 11.70
C GLU B 259 -15.57 40.87 11.75
N ALA B 260 -15.85 41.35 12.95
CA ALA B 260 -16.27 42.73 13.17
C ALA B 260 -15.11 43.74 13.05
N THR B 261 -13.88 43.24 13.03
CA THR B 261 -12.70 44.11 12.97
C THR B 261 -11.65 43.67 11.94
N ASP B 262 -11.41 42.37 11.84
CA ASP B 262 -10.36 41.83 10.98
C ASP B 262 -10.80 41.19 9.65
N LEU B 263 -12.05 41.45 9.25
CA LEU B 263 -12.55 40.90 7.99
C LEU B 263 -12.22 41.85 6.82
N SER B 264 -12.21 43.14 7.11
CA SER B 264 -11.89 44.21 6.15
C SER B 264 -10.46 44.13 5.61
N SER B 265 -9.61 43.37 6.29
CA SER B 265 -8.22 43.18 5.89
C SER B 265 -8.09 42.25 4.67
N ILE B 266 -9.05 41.33 4.54
CA ILE B 266 -9.04 40.37 3.43
C ILE B 266 -9.59 41.01 2.14
N ALA B 267 -8.75 41.07 1.12
CA ALA B 267 -9.10 41.67 -0.17
C ALA B 267 -10.12 40.85 -0.95
N ILE B 268 -10.85 41.55 -1.83
CA ILE B 268 -11.85 40.92 -2.70
C ILE B 268 -11.15 40.07 -3.77
N ALA B 269 -11.60 38.82 -3.90
CA ALA B 269 -11.05 37.89 -4.89
C ALA B 269 -11.28 38.40 -6.32
N PRO B 270 -10.27 38.22 -7.21
CA PRO B 270 -10.37 38.69 -8.60
C PRO B 270 -11.58 38.12 -9.34
N GLU C 16 -45.86 -35.25 -14.31
CA GLU C 16 -44.67 -35.42 -15.18
C GLU C 16 -43.39 -35.59 -14.36
N ASN C 17 -43.18 -34.74 -13.36
CA ASN C 17 -42.02 -34.84 -12.47
C ASN C 17 -42.12 -36.06 -11.57
N LEU C 18 -41.17 -36.97 -11.70
CA LEU C 18 -41.15 -38.21 -10.93
C LEU C 18 -39.87 -38.34 -10.12
N TYR C 19 -38.82 -37.66 -10.58
CA TYR C 19 -37.51 -37.70 -9.96
C TYR C 19 -37.09 -36.31 -9.51
N PHE C 20 -36.34 -36.24 -8.41
CA PHE C 20 -35.88 -34.98 -7.84
C PHE C 20 -34.44 -35.14 -7.37
N GLN C 21 -33.61 -34.13 -7.63
CA GLN C 21 -32.18 -34.22 -7.31
C GLN C 21 -31.69 -33.14 -6.32
N SER C 22 -30.79 -33.57 -5.43
CA SER C 22 -30.10 -32.72 -4.47
C SER C 22 -28.70 -33.26 -4.15
N ASN C 23 -28.47 -34.52 -4.51
CA ASN C 23 -27.18 -35.17 -4.27
C ASN C 23 -26.16 -34.78 -5.35
N ALA C 24 -25.62 -33.57 -5.22
CA ALA C 24 -24.63 -33.03 -6.14
C ALA C 24 -23.38 -32.62 -5.39
N MET C 25 -22.24 -32.66 -6.08
CA MET C 25 -20.98 -32.27 -5.46
C MET C 25 -20.47 -31.02 -6.18
N ARG C 26 -20.01 -30.05 -5.40
CA ARG C 26 -19.57 -28.77 -5.95
C ARG C 26 -18.08 -28.78 -6.29
N LEU C 27 -17.72 -29.63 -7.24
CA LEU C 27 -16.34 -29.76 -7.69
C LEU C 27 -16.24 -29.60 -9.19
N ARG C 28 -15.22 -28.87 -9.63
CA ARG C 28 -14.96 -28.68 -11.05
C ARG C 28 -14.25 -29.88 -11.66
N HIS C 29 -14.73 -30.32 -12.81
CA HIS C 29 -14.08 -31.41 -13.53
C HIS C 29 -12.85 -30.87 -14.23
N LEU C 30 -11.74 -31.59 -14.10
CA LEU C 30 -10.51 -31.18 -14.76
C LEU C 30 -10.34 -31.97 -16.06
N SER C 31 -10.53 -31.29 -17.18
N SER C 31 -10.55 -31.31 -17.19
CA SER C 31 -10.38 -31.88 -18.51
CA SER C 31 -10.40 -31.95 -18.49
C SER C 31 -8.90 -32.10 -18.82
C SER C 31 -8.92 -32.09 -18.85
N ASP C 32 -8.61 -33.13 -19.63
CA ASP C 32 -7.23 -33.46 -20.05
C ASP C 32 -6.22 -33.28 -18.90
N PRO C 33 -6.43 -34.00 -17.78
CA PRO C 33 -5.58 -33.74 -16.62
C PRO C 33 -4.10 -34.07 -16.81
N ASP C 34 -3.81 -35.07 -17.64
CA ASP C 34 -2.42 -35.52 -17.87
C ASP C 34 -1.77 -34.84 -19.07
N SER C 35 -2.48 -33.88 -19.66
CA SER C 35 -1.97 -33.14 -20.81
C SER C 35 -1.33 -31.82 -20.38
N LEU C 36 0.01 -31.79 -20.43
CA LEU C 36 0.77 -30.62 -20.00
C LEU C 36 1.79 -30.23 -21.08
N PRO C 37 1.31 -29.76 -22.26
CA PRO C 37 2.24 -29.45 -23.36
C PRO C 37 3.15 -28.25 -23.11
N ALA C 38 2.75 -27.36 -22.21
CA ALA C 38 3.55 -26.17 -21.91
C ALA C 38 4.68 -26.47 -20.93
N LEU C 39 4.66 -27.67 -20.35
CA LEU C 39 5.67 -28.10 -19.38
C LEU C 39 6.78 -28.89 -20.07
N ASP C 40 8.02 -28.56 -19.76
CA ASP C 40 9.16 -29.29 -20.28
C ASP C 40 9.50 -30.34 -19.23
N LYS C 41 9.10 -31.57 -19.51
CA LYS C 41 9.26 -32.68 -18.56
C LYS C 41 10.69 -33.08 -18.21
N SER C 42 11.64 -32.70 -19.07
N SER C 42 11.64 -32.70 -19.07
CA SER C 42 13.06 -32.97 -18.82
CA SER C 42 13.05 -32.93 -18.84
C SER C 42 13.59 -32.12 -17.66
C SER C 42 13.56 -32.15 -17.63
N PHE C 43 12.88 -31.04 -17.33
CA PHE C 43 13.27 -30.17 -16.21
C PHE C 43 12.34 -30.23 -15.01
N ALA C 44 11.16 -30.82 -15.19
CA ALA C 44 10.23 -30.97 -14.08
C ALA C 44 10.66 -32.17 -13.24
N ILE C 45 10.57 -32.02 -11.92
CA ILE C 45 10.84 -33.12 -11.02
C ILE C 45 9.45 -33.64 -10.70
N GLU C 46 9.20 -34.91 -10.98
CA GLU C 46 7.86 -35.49 -10.82
C GLU C 46 7.44 -35.62 -9.35
N ARG C 47 8.43 -35.80 -8.47
N ARG C 47 8.43 -35.78 -8.47
CA ARG C 47 8.19 -35.91 -7.04
CA ARG C 47 8.19 -35.90 -7.04
C ARG C 47 9.07 -34.88 -6.32
C ARG C 47 9.07 -34.88 -6.32
N PRO C 48 8.67 -33.59 -6.37
CA PRO C 48 9.48 -32.50 -5.79
C PRO C 48 9.78 -32.59 -4.29
N ALA C 49 8.96 -33.31 -3.53
CA ALA C 49 9.20 -33.49 -2.10
C ALA C 49 10.01 -34.73 -1.76
N LEU C 50 10.25 -35.61 -2.74
CA LEU C 50 11.05 -36.82 -2.50
C LEU C 50 12.45 -36.43 -2.03
N GLY C 51 12.85 -36.98 -0.87
CA GLY C 51 14.12 -36.66 -0.27
C GLY C 51 14.06 -35.42 0.60
N LEU C 52 12.90 -34.75 0.60
CA LEU C 52 12.70 -33.56 1.39
C LEU C 52 11.83 -33.83 2.63
N ALA C 53 10.65 -34.42 2.38
CA ALA C 53 9.68 -34.78 3.41
C ALA C 53 8.79 -35.85 2.78
N PRO C 54 8.13 -36.69 3.61
CA PRO C 54 7.31 -37.78 3.06
C PRO C 54 6.22 -37.28 2.12
N ASP C 55 6.16 -37.87 0.93
CA ASP C 55 5.16 -37.43 -0.04
C ASP C 55 4.00 -38.44 -0.19
N ALA C 56 3.92 -39.36 0.77
CA ALA C 56 2.81 -40.32 0.84
C ALA C 56 2.18 -40.23 2.23
N PRO C 57 0.83 -40.21 2.31
CA PRO C 57 -0.16 -40.19 1.23
C PRO C 57 -0.03 -38.87 0.47
N PRO C 58 -0.61 -38.78 -0.75
CA PRO C 58 -0.46 -37.54 -1.52
C PRO C 58 -0.83 -36.28 -0.74
N VAL C 59 -0.08 -35.19 -0.93
CA VAL C 59 -0.46 -33.92 -0.31
C VAL C 59 -1.80 -33.49 -0.91
N ARG C 60 -2.69 -32.97 -0.05
CA ARG C 60 -4.04 -32.62 -0.43
C ARG C 60 -4.19 -31.12 -0.62
N ILE C 61 -4.52 -30.71 -1.84
CA ILE C 61 -4.64 -29.28 -2.17
C ILE C 61 -6.05 -28.91 -2.63
N LEU C 62 -6.63 -27.90 -1.96
CA LEU C 62 -7.92 -27.34 -2.35
C LEU C 62 -7.64 -26.08 -3.17
N LEU C 63 -8.24 -25.97 -4.35
CA LEU C 63 -8.04 -24.80 -5.18
C LEU C 63 -9.34 -24.00 -5.32
N LEU C 64 -9.23 -22.69 -5.15
CA LEU C 64 -10.38 -21.79 -5.27
C LEU C 64 -10.10 -20.70 -6.32
N TYR C 65 -11.08 -20.43 -7.18
CA TYR C 65 -10.94 -19.39 -8.19
C TYR C 65 -11.96 -18.25 -7.97
N GLY C 66 -11.80 -17.14 -8.69
CA GLY C 66 -12.60 -15.97 -8.37
C GLY C 66 -13.54 -15.36 -9.38
N SER C 67 -14.06 -16.18 -10.29
CA SER C 67 -15.01 -15.69 -11.28
C SER C 67 -15.89 -16.86 -11.71
N LEU C 68 -17.17 -16.56 -11.97
CA LEU C 68 -18.16 -17.55 -12.43
C LEU C 68 -18.40 -17.42 -13.93
N ARG C 69 -17.64 -16.55 -14.58
N ARG C 69 -17.64 -16.56 -14.57
CA ARG C 69 -17.77 -16.33 -16.02
CA ARG C 69 -17.78 -16.34 -16.01
C ARG C 69 -17.33 -17.57 -16.80
C ARG C 69 -17.33 -17.57 -16.80
N ALA C 70 -17.98 -17.79 -17.95
CA ALA C 70 -17.71 -18.96 -18.81
C ALA C 70 -16.23 -19.18 -19.13
N ARG C 71 -15.56 -18.14 -19.62
CA ARG C 71 -14.14 -18.24 -19.92
C ARG C 71 -13.40 -17.44 -18.85
N SER C 72 -13.51 -17.91 -17.61
CA SER C 72 -12.84 -17.29 -16.48
C SER C 72 -11.37 -17.66 -16.50
N PHE C 73 -10.50 -16.68 -16.73
CA PHE C 73 -9.05 -16.94 -16.75
C PHE C 73 -8.53 -17.32 -15.37
N SER C 74 -9.20 -16.82 -14.33
CA SER C 74 -8.93 -17.19 -12.95
C SER C 74 -9.12 -18.72 -12.83
N ARG C 75 -10.29 -19.21 -13.23
CA ARG C 75 -10.56 -20.65 -13.20
C ARG C 75 -9.58 -21.43 -14.08
N LEU C 76 -9.33 -20.91 -15.29
CA LEU C 76 -8.40 -21.55 -16.22
C LEU C 76 -6.97 -21.63 -15.70
N ALA C 77 -6.52 -20.59 -15.00
CA ALA C 77 -5.18 -20.60 -14.39
C ALA C 77 -5.15 -21.64 -13.28
N VAL C 78 -6.24 -21.70 -12.51
CA VAL C 78 -6.41 -22.69 -11.44
C VAL C 78 -6.41 -24.11 -12.00
N GLU C 79 -7.03 -24.30 -13.17
CA GLU C 79 -7.01 -25.62 -13.79
C GLU C 79 -5.58 -26.03 -14.19
N GLU C 80 -4.82 -25.10 -14.75
CA GLU C 80 -3.44 -25.43 -15.11
C GLU C 80 -2.66 -25.74 -13.81
N ALA C 81 -2.93 -24.99 -12.73
CA ALA C 81 -2.28 -25.25 -11.44
C ALA C 81 -2.60 -26.65 -10.93
N ALA C 82 -3.87 -27.04 -11.05
CA ALA C 82 -4.34 -28.38 -10.64
C ALA C 82 -3.61 -29.48 -11.42
N ARG C 83 -3.49 -29.32 -12.74
CA ARG C 83 -2.77 -30.30 -13.56
C ARG C 83 -1.32 -30.43 -13.11
N LEU C 84 -0.66 -29.31 -12.85
CA LEU C 84 0.72 -29.34 -12.38
C LEU C 84 0.84 -30.04 -11.03
N LEU C 85 -0.08 -29.74 -10.12
CA LEU C 85 -0.09 -30.38 -8.79
C LEU C 85 -0.24 -31.90 -8.88
N GLN C 86 -1.16 -32.36 -9.74
CA GLN C 86 -1.36 -33.78 -9.95
C GLN C 86 -0.12 -34.40 -10.58
N PHE C 87 0.52 -33.67 -11.50
CA PHE C 87 1.79 -34.16 -12.05
C PHE C 87 2.84 -34.30 -10.94
N PHE C 88 2.86 -33.36 -9.99
CA PHE C 88 3.78 -33.39 -8.87
C PHE C 88 3.35 -34.36 -7.76
N GLY C 89 2.28 -35.10 -8.02
CA GLY C 89 1.80 -36.14 -7.11
C GLY C 89 0.80 -35.76 -6.03
N ALA C 90 0.29 -34.53 -6.11
CA ALA C 90 -0.73 -34.08 -5.18
C ALA C 90 -2.12 -34.57 -5.63
N GLU C 91 -3.03 -34.63 -4.66
CA GLU C 91 -4.44 -34.86 -4.94
C GLU C 91 -5.03 -33.46 -4.89
N THR C 92 -5.93 -33.16 -5.83
CA THR C 92 -6.54 -31.84 -5.90
C THR C 92 -8.04 -31.88 -5.91
N ARG C 93 -8.63 -30.78 -5.42
CA ARG C 93 -10.06 -30.55 -5.46
C ARG C 93 -10.27 -29.06 -5.79
N ILE C 94 -11.03 -28.79 -6.84
CA ILE C 94 -11.34 -27.42 -7.23
C ILE C 94 -12.80 -27.18 -6.86
N PHE C 95 -13.04 -26.27 -5.92
CA PHE C 95 -14.41 -25.99 -5.49
C PHE C 95 -15.13 -25.14 -6.55
N ASP C 96 -16.39 -25.49 -6.81
CA ASP C 96 -17.26 -24.74 -7.71
C ASP C 96 -18.17 -23.86 -6.84
N PRO C 97 -17.91 -22.52 -6.82
CA PRO C 97 -18.67 -21.62 -5.96
C PRO C 97 -19.93 -21.07 -6.61
N SER C 98 -20.40 -21.71 -7.68
CA SER C 98 -21.55 -21.21 -8.43
C SER C 98 -22.83 -20.99 -7.63
N ASP C 99 -23.06 -21.75 -6.56
CA ASP C 99 -24.25 -21.50 -5.74
C ASP C 99 -23.95 -21.05 -4.29
N LEU C 100 -22.72 -20.64 -4.04
CA LEU C 100 -22.36 -20.13 -2.72
C LEU C 100 -22.93 -18.73 -2.62
N PRO C 101 -23.68 -18.42 -1.54
CA PRO C 101 -24.26 -17.08 -1.47
C PRO C 101 -23.17 -16.03 -1.40
N LEU C 102 -23.40 -14.91 -2.07
CA LEU C 102 -22.41 -13.85 -2.10
C LEU C 102 -22.57 -12.95 -0.87
N PRO C 103 -21.54 -12.16 -0.56
CA PRO C 103 -21.50 -11.39 0.69
C PRO C 103 -22.71 -10.51 1.06
N ASP C 104 -23.42 -9.94 0.06
CA ASP C 104 -24.57 -9.08 0.33
C ASP C 104 -25.89 -9.84 0.45
N GLN C 105 -25.83 -11.14 0.16
CA GLN C 105 -27.01 -12.01 0.22
C GLN C 105 -27.19 -12.59 1.63
N VAL C 106 -28.35 -13.18 1.87
CA VAL C 106 -28.65 -13.81 3.15
C VAL C 106 -27.63 -14.90 3.46
N GLN C 107 -27.07 -14.86 4.66
CA GLN C 107 -26.06 -15.82 5.07
C GLN C 107 -26.59 -16.91 5.99
N SER C 108 -26.10 -18.13 5.79
N SER C 108 -26.09 -18.12 5.80
CA SER C 108 -26.47 -19.27 6.62
CA SER C 108 -26.47 -19.28 6.60
C SER C 108 -25.34 -20.31 6.63
C SER C 108 -25.34 -20.31 6.61
N ASP C 109 -24.99 -20.79 7.81
CA ASP C 109 -23.95 -21.81 7.97
C ASP C 109 -24.48 -23.20 7.60
N ASP C 110 -25.80 -23.32 7.50
CA ASP C 110 -26.48 -24.57 7.14
C ASP C 110 -26.65 -24.73 5.64
N HIS C 111 -26.16 -23.75 4.88
CA HIS C 111 -26.25 -23.76 3.42
C HIS C 111 -25.35 -24.87 2.85
N PRO C 112 -25.92 -25.72 1.98
CA PRO C 112 -25.17 -26.85 1.40
C PRO C 112 -23.82 -26.48 0.80
N ALA C 113 -23.71 -25.30 0.22
CA ALA C 113 -22.45 -24.85 -0.38
C ALA C 113 -21.41 -24.50 0.69
N VAL C 114 -21.89 -23.94 1.81
CA VAL C 114 -20.97 -23.57 2.90
C VAL C 114 -20.41 -24.84 3.54
N LYS C 115 -21.29 -25.78 3.86
CA LYS C 115 -20.90 -27.07 4.46
C LYS C 115 -19.88 -27.80 3.61
N GLU C 116 -20.12 -27.84 2.30
CA GLU C 116 -19.21 -28.51 1.38
C GLU C 116 -17.85 -27.81 1.28
N LEU C 117 -17.88 -26.49 1.14
CA LEU C 117 -16.63 -25.74 1.11
C LEU C 117 -15.83 -25.97 2.40
N ARG C 118 -16.52 -25.94 3.54
CA ARG C 118 -15.86 -26.17 4.84
C ARG C 118 -15.33 -27.60 4.96
N ALA C 119 -16.05 -28.56 4.39
CA ALA C 119 -15.60 -29.95 4.38
C ALA C 119 -14.29 -30.03 3.58
N LEU C 120 -14.27 -29.36 2.44
CA LEU C 120 -13.08 -29.32 1.56
C LEU C 120 -11.88 -28.64 2.23
N SER C 121 -12.14 -27.54 2.92
CA SER C 121 -11.09 -26.84 3.64
C SER C 121 -10.49 -27.78 4.69
N GLU C 122 -11.34 -28.49 5.43
CA GLU C 122 -10.87 -29.45 6.43
C GLU C 122 -10.01 -30.56 5.84
N TRP C 123 -10.45 -31.10 4.70
CA TRP C 123 -9.71 -32.15 3.98
C TRP C 123 -8.33 -31.67 3.53
N SER C 124 -8.25 -30.42 3.09
CA SER C 124 -6.99 -29.87 2.55
C SER C 124 -5.84 -29.78 3.55
N GLU C 125 -4.62 -29.90 3.01
CA GLU C 125 -3.39 -29.72 3.75
C GLU C 125 -2.79 -28.38 3.31
N GLY C 126 -3.15 -27.97 2.09
CA GLY C 126 -2.70 -26.70 1.51
C GLY C 126 -3.81 -26.22 0.58
N GLN C 127 -3.76 -24.96 0.21
CA GLN C 127 -4.77 -24.36 -0.65
C GLN C 127 -4.14 -23.43 -1.67
N VAL C 128 -4.86 -23.21 -2.76
CA VAL C 128 -4.46 -22.26 -3.77
C VAL C 128 -5.64 -21.35 -3.94
N TRP C 129 -5.41 -20.03 -3.84
CA TRP C 129 -6.49 -19.06 -4.08
C TRP C 129 -6.11 -18.18 -5.26
N CYS C 130 -6.96 -18.15 -6.29
CA CYS C 130 -6.71 -17.36 -7.48
C CYS C 130 -7.87 -16.39 -7.73
N SER C 131 -7.56 -15.09 -7.75
CA SER C 131 -8.59 -14.08 -7.99
C SER C 131 -8.22 -13.10 -9.08
N PRO C 132 -9.22 -12.69 -9.90
CA PRO C 132 -8.94 -11.54 -10.76
C PRO C 132 -8.76 -10.30 -9.86
N GLU C 133 -8.02 -9.31 -10.33
CA GLU C 133 -7.92 -8.07 -9.61
C GLU C 133 -8.77 -7.10 -10.42
N ARG C 134 -9.84 -6.58 -9.84
N ARG C 134 -9.80 -6.59 -9.77
CA ARG C 134 -10.76 -5.74 -10.64
CA ARG C 134 -10.72 -5.62 -10.32
C ARG C 134 -10.34 -4.27 -10.84
C ARG C 134 -10.79 -4.47 -9.32
N HIS C 135 -9.99 -3.60 -9.74
N HIS C 135 -10.39 -3.28 -9.76
CA HIS C 135 -9.53 -2.21 -9.80
CA HIS C 135 -10.37 -2.09 -8.91
C HIS C 135 -8.39 -2.04 -8.82
C HIS C 135 -9.36 -2.15 -7.75
N GLY C 136 -8.32 -2.98 -7.89
CA GLY C 136 -7.27 -3.07 -6.87
C GLY C 136 -7.68 -4.06 -5.80
N GLN C 137 -8.84 -4.68 -6.02
CA GLN C 137 -9.44 -5.58 -5.03
C GLN C 137 -9.71 -6.97 -5.60
N ILE C 138 -9.89 -7.94 -4.70
CA ILE C 138 -10.32 -9.28 -5.08
C ILE C 138 -11.82 -9.25 -5.37
N THR C 139 -12.36 -10.34 -5.91
CA THR C 139 -13.77 -10.37 -6.29
C THR C 139 -14.68 -10.79 -5.15
N SER C 140 -15.98 -10.52 -5.30
N SER C 140 -15.98 -10.52 -5.30
CA SER C 140 -16.98 -10.86 -4.30
CA SER C 140 -16.97 -10.89 -4.29
C SER C 140 -17.13 -12.37 -4.17
C SER C 140 -16.98 -12.40 -4.12
N VAL C 141 -16.89 -13.10 -5.25
N VAL C 141 -16.99 -13.13 -5.23
CA VAL C 141 -17.00 -14.56 -5.19
CA VAL C 141 -17.02 -14.60 -5.15
C VAL C 141 -15.80 -15.15 -4.46
C VAL C 141 -15.80 -15.14 -4.42
N MET C 142 -14.63 -14.54 -4.65
CA MET C 142 -13.42 -14.95 -3.96
C MET C 142 -13.65 -14.67 -2.46
N LYS C 143 -14.07 -13.44 -2.16
N LYS C 143 -14.09 -13.45 -2.15
CA LYS C 143 -14.39 -13.01 -0.79
CA LYS C 143 -14.35 -13.03 -0.77
C LYS C 143 -15.33 -13.96 -0.08
C LYS C 143 -15.36 -13.93 -0.05
N ALA C 144 -16.42 -14.32 -0.76
CA ALA C 144 -17.46 -15.19 -0.20
C ALA C 144 -16.87 -16.53 0.22
N GLN C 145 -15.95 -17.06 -0.58
CA GLN C 145 -15.31 -18.33 -0.26
C GLN C 145 -14.42 -18.20 0.97
N ILE C 146 -13.54 -17.20 0.96
CA ILE C 146 -12.61 -16.99 2.07
C ILE C 146 -13.37 -16.74 3.38
N ASP C 147 -14.50 -16.03 3.29
CA ASP C 147 -15.35 -15.73 4.45
C ASP C 147 -15.88 -16.99 5.12
N HIS C 148 -16.05 -18.04 4.34
CA HIS C 148 -16.66 -19.27 4.82
C HIS C 148 -15.71 -20.39 5.17
N LEU C 149 -14.41 -20.09 5.18
CA LEU C 149 -13.41 -21.06 5.58
C LEU C 149 -13.22 -21.17 7.10
N PRO C 150 -13.13 -20.02 7.81
CA PRO C 150 -12.66 -20.02 9.21
C PRO C 150 -13.53 -20.57 10.35
N LEU C 151 -14.40 -19.71 10.90
CA LEU C 151 -15.21 -19.93 12.12
C LEU C 151 -14.43 -19.51 13.36
N ILE C 156 -9.19 -18.68 18.15
CA ILE C 156 -8.44 -19.76 17.51
C ILE C 156 -8.98 -20.05 16.10
N ARG C 157 -8.08 -20.45 15.21
CA ARG C 157 -8.40 -20.68 13.80
C ARG C 157 -8.27 -22.16 13.41
N PRO C 158 -9.38 -22.79 12.94
CA PRO C 158 -9.31 -24.17 12.47
C PRO C 158 -8.46 -24.34 11.20
N THR C 159 -8.26 -23.24 10.47
CA THR C 159 -7.45 -23.22 9.25
C THR C 159 -5.95 -23.20 9.48
N GLN C 160 -5.54 -22.80 10.69
CA GLN C 160 -4.13 -22.65 11.05
C GLN C 160 -3.25 -23.86 10.68
N GLY C 161 -2.07 -23.58 10.12
CA GLY C 161 -1.14 -24.65 9.78
C GLY C 161 -1.20 -25.13 8.36
N ARG C 162 -2.32 -24.88 7.69
CA ARG C 162 -2.41 -25.21 6.28
C ARG C 162 -1.59 -24.20 5.49
N THR C 163 -0.98 -24.68 4.41
CA THR C 163 -0.24 -23.82 3.53
C THR C 163 -1.16 -23.16 2.50
N LEU C 164 -0.64 -22.15 1.82
CA LEU C 164 -1.40 -21.37 0.86
C LEU C 164 -0.48 -20.83 -0.23
N ALA C 165 -0.92 -20.91 -1.48
CA ALA C 165 -0.26 -20.27 -2.60
C ALA C 165 -1.29 -19.31 -3.16
N VAL C 166 -0.87 -18.08 -3.45
CA VAL C 166 -1.80 -17.07 -3.99
C VAL C 166 -1.51 -16.76 -5.46
N MET C 167 -2.58 -16.54 -6.22
CA MET C 167 -2.47 -16.24 -7.64
C MET C 167 -3.45 -15.16 -8.03
N GLN C 168 -3.11 -14.40 -9.06
CA GLN C 168 -4.06 -13.45 -9.64
C GLN C 168 -3.95 -13.32 -11.15
N VAL C 169 -5.01 -12.78 -11.74
CA VAL C 169 -5.05 -12.51 -13.16
C VAL C 169 -5.56 -11.08 -13.31
N SER C 170 -5.16 -10.41 -14.39
N SER C 170 -5.17 -10.42 -14.40
CA SER C 170 -5.62 -9.05 -14.67
CA SER C 170 -5.62 -9.07 -14.69
C SER C 170 -5.71 -8.81 -16.18
C SER C 170 -5.76 -8.85 -16.19
N GLY C 171 -6.59 -7.89 -16.55
CA GLY C 171 -6.79 -7.54 -17.98
C GLY C 171 -5.73 -6.56 -18.46
N GLY C 172 -5.08 -5.89 -17.50
CA GLY C 172 -4.03 -4.92 -17.80
C GLY C 172 -2.67 -5.40 -17.36
N SER C 173 -1.80 -4.44 -17.04
CA SER C 173 -0.43 -4.73 -16.61
C SER C 173 -0.41 -5.57 -15.34
N GLN C 174 0.70 -6.26 -15.14
CA GLN C 174 0.89 -7.11 -13.98
C GLN C 174 0.85 -6.25 -12.72
N SER C 175 0.03 -6.66 -11.76
CA SER C 175 -0.05 -5.99 -10.45
C SER C 175 -0.15 -7.06 -9.36
N PHE C 176 -0.06 -6.63 -8.10
CA PHE C 176 -0.02 -7.60 -7.01
C PHE C 176 -1.01 -7.29 -5.90
N ASN C 177 -1.96 -6.40 -6.18
CA ASN C 177 -2.93 -6.01 -5.18
C ASN C 177 -3.80 -7.16 -4.70
N ALA C 178 -4.28 -7.97 -5.64
CA ALA C 178 -5.09 -9.13 -5.29
C ALA C 178 -4.30 -10.18 -4.51
N VAL C 179 -3.12 -10.58 -4.99
CA VAL C 179 -2.31 -11.57 -4.25
C VAL C 179 -1.93 -11.04 -2.87
N ASN C 180 -1.63 -9.76 -2.79
CA ASN C 180 -1.27 -9.16 -1.50
C ASN C 180 -2.43 -9.24 -0.52
N THR C 181 -3.64 -8.96 -1.01
CA THR C 181 -4.85 -9.06 -0.20
C THR C 181 -5.07 -10.52 0.25
N LEU C 182 -4.98 -11.46 -0.70
CA LEU C 182 -5.13 -12.88 -0.42
C LEU C 182 -4.10 -13.33 0.64
N ARG C 183 -2.86 -12.91 0.46
CA ARG C 183 -1.77 -13.26 1.40
C ARG C 183 -2.09 -12.82 2.82
N LEU C 184 -2.57 -11.59 2.97
CA LEU C 184 -2.89 -11.08 4.29
C LEU C 184 -4.14 -11.75 4.87
N LEU C 185 -5.09 -12.10 4.01
CA LEU C 185 -6.26 -12.86 4.47
C LEU C 185 -5.79 -14.23 4.97
N GLY C 186 -4.91 -14.87 4.20
CA GLY C 186 -4.32 -16.14 4.60
C GLY C 186 -3.62 -16.02 5.94
N ARG C 187 -2.88 -14.92 6.11
CA ARG C 187 -2.13 -14.71 7.34
C ARG C 187 -3.04 -14.55 8.53
N TRP C 188 -4.13 -13.80 8.36
N TRP C 188 -4.14 -13.81 8.39
CA TRP C 188 -5.14 -13.57 9.41
CA TRP C 188 -5.01 -13.62 9.55
C TRP C 188 -5.68 -14.91 9.93
C TRP C 188 -5.69 -14.94 9.96
N MET C 189 -5.84 -15.86 9.01
CA MET C 189 -6.33 -17.20 9.31
C MET C 189 -5.21 -18.14 9.75
N ARG C 190 -4.01 -17.57 9.93
CA ARG C 190 -2.80 -18.30 10.38
C ARG C 190 -2.38 -19.43 9.43
N MET C 191 -2.67 -19.26 8.16
CA MET C 191 -2.15 -20.19 7.17
C MET C 191 -0.72 -19.75 6.84
N PHE C 192 0.06 -20.66 6.27
CA PHE C 192 1.43 -20.32 5.91
C PHE C 192 1.46 -20.10 4.40
N THR C 193 1.51 -18.82 4.00
CA THR C 193 1.49 -18.47 2.58
C THR C 193 2.91 -18.54 2.03
N ILE C 194 3.13 -19.37 1.02
CA ILE C 194 4.48 -19.53 0.45
C ILE C 194 4.88 -18.26 -0.25
N PRO C 195 6.19 -18.00 -0.37
CA PRO C 195 6.62 -16.77 -1.00
C PRO C 195 6.33 -16.67 -2.48
N ASN C 196 6.51 -17.76 -3.23
CA ASN C 196 6.30 -17.66 -4.68
C ASN C 196 4.81 -17.54 -5.01
N GLN C 197 4.48 -16.78 -6.06
CA GLN C 197 3.10 -16.51 -6.42
C GLN C 197 2.99 -16.24 -7.93
N SER C 198 1.76 -16.28 -8.45
CA SER C 198 1.51 -16.06 -9.87
C SER C 198 0.65 -14.81 -10.08
N SER C 199 1.03 -13.98 -11.04
CA SER C 199 0.23 -12.81 -11.39
C SER C 199 0.28 -12.69 -12.91
N ILE C 200 -0.81 -13.08 -13.57
CA ILE C 200 -0.86 -13.08 -15.02
C ILE C 200 -1.36 -11.73 -15.55
N ALA C 201 -0.50 -11.04 -16.30
CA ALA C 201 -0.86 -9.76 -16.93
C ALA C 201 -1.61 -10.03 -18.22
N LYS C 202 -2.56 -9.15 -18.57
CA LYS C 202 -3.35 -9.30 -19.80
C LYS C 202 -3.68 -10.77 -20.03
N ALA C 203 -4.28 -11.39 -19.01
CA ALA C 203 -4.57 -12.84 -19.00
C ALA C 203 -5.27 -13.36 -20.24
N PHE C 204 -6.17 -12.56 -20.81
CA PHE C 204 -6.88 -12.94 -22.02
C PHE C 204 -5.94 -13.36 -23.16
N GLN C 205 -4.72 -12.82 -23.17
CA GLN C 205 -3.71 -13.13 -24.21
C GLN C 205 -2.96 -14.43 -23.97
N GLU C 206 -3.05 -14.97 -22.77
CA GLU C 206 -2.25 -16.14 -22.38
C GLU C 206 -2.92 -17.50 -22.52
N PHE C 207 -4.18 -17.51 -22.94
CA PHE C 207 -4.93 -18.75 -23.07
C PHE C 207 -5.45 -18.93 -24.50
N ASP C 208 -5.35 -20.15 -25.01
CA ASP C 208 -5.84 -20.45 -26.34
C ASP C 208 -7.35 -20.63 -26.29
N ALA C 209 -7.96 -20.84 -27.46
CA ALA C 209 -9.41 -20.96 -27.56
C ALA C 209 -10.00 -22.07 -26.68
N ALA C 210 -9.24 -23.13 -26.44
CA ALA C 210 -9.72 -24.26 -25.65
C ALA C 210 -9.53 -24.01 -24.16
N GLY C 211 -8.93 -22.87 -23.81
CA GLY C 211 -8.71 -22.52 -22.41
C GLY C 211 -7.42 -23.07 -21.82
N ARG C 212 -6.53 -23.54 -22.69
CA ARG C 212 -5.22 -24.03 -22.23
C ARG C 212 -4.21 -22.91 -22.33
N MET C 213 -3.36 -22.80 -21.31
CA MET C 213 -2.37 -21.75 -21.23
C MET C 213 -1.22 -21.94 -22.22
N LYS C 214 -0.86 -20.86 -22.90
CA LYS C 214 0.23 -20.87 -23.87
C LYS C 214 1.57 -20.91 -23.12
N PRO C 215 2.59 -21.58 -23.71
CA PRO C 215 3.89 -21.58 -23.07
C PRO C 215 4.43 -20.17 -22.96
N SER C 216 4.84 -19.80 -21.75
CA SER C 216 5.32 -18.46 -21.41
C SER C 216 6.00 -18.50 -20.05
N PRO C 217 6.71 -17.43 -19.68
CA PRO C 217 7.24 -17.33 -18.31
C PRO C 217 6.12 -17.34 -17.26
N TYR C 218 4.89 -17.02 -17.66
CA TYR C 218 3.75 -17.06 -16.74
C TYR C 218 3.40 -18.51 -16.39
N TYR C 219 3.43 -19.41 -17.39
CA TYR C 219 3.16 -20.81 -17.14
C TYR C 219 4.27 -21.43 -16.29
N ASP C 220 5.51 -21.10 -16.64
CA ASP C 220 6.68 -21.58 -15.89
C ASP C 220 6.60 -21.16 -14.43
N ARG C 221 6.08 -19.96 -14.20
CA ARG C 221 5.89 -19.46 -12.83
C ARG C 221 4.89 -20.32 -12.09
N ILE C 222 3.73 -20.60 -12.69
CA ILE C 222 2.76 -21.49 -12.04
C ILE C 222 3.42 -22.82 -11.67
N ALA C 223 4.24 -23.38 -12.57
CA ALA C 223 4.97 -24.62 -12.27
C ALA C 223 5.84 -24.43 -11.01
N ASP C 224 6.58 -23.33 -10.94
CA ASP C 224 7.41 -23.04 -9.76
C ASP C 224 6.57 -22.99 -8.47
N VAL C 225 5.44 -22.31 -8.56
CA VAL C 225 4.57 -22.12 -7.41
C VAL C 225 4.04 -23.44 -6.85
N MET C 226 3.52 -24.29 -7.73
CA MET C 226 2.97 -25.60 -7.36
C MET C 226 4.09 -26.51 -6.85
N GLU C 227 5.26 -26.41 -7.47
CA GLU C 227 6.44 -27.17 -7.03
C GLU C 227 6.78 -26.79 -5.58
N GLU C 228 6.87 -25.49 -5.32
CA GLU C 228 7.15 -24.95 -4.01
C GLU C 228 6.04 -25.34 -3.02
N LEU C 229 4.78 -25.27 -3.44
CA LEU C 229 3.66 -25.62 -2.55
C LEU C 229 3.69 -27.11 -2.16
N VAL C 230 3.98 -27.98 -3.12
CA VAL C 230 4.05 -29.42 -2.81
C VAL C 230 5.17 -29.65 -1.80
N ARG C 231 6.33 -29.06 -2.08
CA ARG C 231 7.47 -29.25 -1.18
C ARG C 231 7.19 -28.72 0.23
N PHE C 232 6.66 -27.51 0.31
CA PHE C 232 6.51 -26.88 1.62
C PHE C 232 5.38 -27.52 2.40
N THR C 233 4.32 -27.91 1.70
CA THR C 233 3.20 -28.59 2.34
C THR C 233 3.68 -29.93 2.89
N ALA C 234 4.43 -30.72 2.10
CA ALA C 234 4.92 -32.00 2.60
C ALA C 234 5.79 -31.78 3.85
N LEU C 235 6.56 -30.69 3.83
CA LEU C 235 7.46 -30.37 4.94
C LEU C 235 6.73 -30.11 6.26
N VAL C 236 5.69 -29.26 6.20
CA VAL C 236 5.02 -28.79 7.41
C VAL C 236 3.83 -29.64 7.89
N ARG C 237 3.18 -30.36 6.98
CA ARG C 237 1.98 -31.14 7.32
C ARG C 237 2.11 -32.16 8.49
N PRO C 238 3.27 -32.85 8.63
CA PRO C 238 3.36 -33.82 9.74
C PRO C 238 3.51 -33.14 11.10
N HIS C 239 3.68 -31.82 11.11
CA HIS C 239 3.99 -31.11 12.35
C HIS C 239 2.95 -30.07 12.74
N ARG C 240 1.73 -30.17 12.21
CA ARG C 240 0.70 -29.14 12.46
C ARG C 240 0.44 -28.94 13.95
N GLU C 241 0.35 -30.04 14.69
CA GLU C 241 0.16 -30.00 16.15
C GLU C 241 1.24 -29.24 16.91
N ALA C 242 2.48 -29.69 16.77
CA ALA C 242 3.61 -29.08 17.44
C ALA C 242 3.78 -27.61 17.03
N LEU C 243 3.57 -27.31 15.75
CA LEU C 243 3.73 -25.94 15.28
C LEU C 243 2.68 -25.01 15.88
N THR C 244 1.53 -25.57 16.25
CA THR C 244 0.46 -24.77 16.84
C THR C 244 0.36 -24.93 18.37
N ASP C 245 1.37 -25.56 18.98
CA ASP C 245 1.41 -25.72 20.44
C ASP C 245 2.15 -24.49 20.97
N ARG C 246 1.38 -23.48 21.37
CA ARG C 246 1.94 -22.16 21.70
C ARG C 246 2.10 -21.84 23.16
N TYR C 247 3.22 -21.19 23.48
CA TYR C 247 3.52 -20.75 24.81
C TYR C 247 2.35 -20.01 25.46
N SER C 248 1.78 -19.02 24.77
CA SER C 248 0.70 -18.23 25.39
C SER C 248 -0.55 -19.04 25.70
N GLU C 249 -0.79 -20.08 24.88
CA GLU C 249 -1.97 -20.91 25.01
C GLU C 249 -1.79 -21.88 26.18
N ARG C 250 -0.57 -22.42 26.32
CA ARG C 250 -0.24 -23.26 27.45
C ARG C 250 -0.33 -22.45 28.74
N LYS C 251 0.12 -21.20 28.70
CA LYS C 251 0.06 -20.33 29.88
C LYS C 251 -1.38 -20.08 30.28
N ALA C 252 -2.21 -19.70 29.31
CA ALA C 252 -3.63 -19.41 29.52
C ALA C 252 -4.40 -20.62 30.06
N ALA C 253 -3.99 -21.81 29.62
CA ALA C 253 -4.60 -23.07 30.08
C ALA C 253 -4.36 -23.27 31.58
N GLY C 254 -3.20 -22.82 32.06
CA GLY C 254 -2.87 -22.92 33.48
C GLY C 254 -2.12 -24.18 33.87
N HIS C 255 -1.46 -24.12 35.03
CA HIS C 255 -0.65 -25.22 35.61
C HIS C 255 0.83 -25.19 35.19
N MET D 25 -37.93 11.28 -3.80
CA MET D 25 -36.55 11.35 -4.37
C MET D 25 -35.54 10.80 -3.36
N ARG D 26 -34.44 10.22 -3.87
CA ARG D 26 -33.43 9.57 -3.03
C ARG D 26 -32.41 10.52 -2.38
N LEU D 27 -32.94 11.44 -1.57
CA LEU D 27 -32.12 12.40 -0.85
C LEU D 27 -32.44 12.31 0.65
N ARG D 28 -31.39 12.34 1.46
CA ARG D 28 -31.55 12.29 2.91
C ARG D 28 -31.91 13.67 3.48
N HIS D 29 -32.88 13.69 4.38
CA HIS D 29 -33.30 14.93 5.03
C HIS D 29 -32.39 15.26 6.20
N LEU D 30 -31.81 16.45 6.17
CA LEU D 30 -30.90 16.90 7.21
C LEU D 30 -31.66 17.64 8.32
N SER D 31 -31.92 16.93 9.42
CA SER D 31 -32.63 17.50 10.57
C SER D 31 -31.72 18.48 11.30
N ASP D 32 -32.33 19.49 11.92
CA ASP D 32 -31.60 20.56 12.62
C ASP D 32 -30.31 20.93 11.89
N PRO D 33 -30.43 21.46 10.65
CA PRO D 33 -29.24 21.76 9.84
C PRO D 33 -28.39 22.90 10.40
N ASP D 34 -29.02 23.81 11.14
CA ASP D 34 -28.34 24.97 11.71
C ASP D 34 -27.84 24.73 13.13
N SER D 35 -28.19 23.58 13.71
CA SER D 35 -27.76 23.23 15.06
C SER D 35 -26.38 22.59 15.03
N LEU D 36 -25.38 23.37 15.47
CA LEU D 36 -23.98 22.95 15.49
C LEU D 36 -23.38 23.12 16.89
N PRO D 37 -23.83 22.30 17.87
CA PRO D 37 -23.36 22.46 19.26
C PRO D 37 -21.91 22.04 19.50
N ALA D 38 -21.36 21.18 18.64
CA ALA D 38 -19.99 20.71 18.80
C ALA D 38 -18.97 21.62 18.10
N LEU D 39 -19.47 22.69 17.48
CA LEU D 39 -18.62 23.66 16.79
C LEU D 39 -18.45 24.92 17.62
N ASP D 40 -17.21 25.37 17.77
CA ASP D 40 -16.91 26.60 18.50
C ASP D 40 -16.84 27.73 17.48
N LYS D 41 -17.95 28.47 17.38
CA LYS D 41 -18.06 29.53 16.37
C LYS D 41 -17.15 30.75 16.58
N SER D 42 -16.51 30.83 17.75
CA SER D 42 -15.53 31.89 18.00
C SER D 42 -14.24 31.63 17.20
N PHE D 43 -14.08 30.39 16.71
CA PHE D 43 -12.91 29.99 15.93
C PHE D 43 -13.25 29.61 14.50
N ALA D 44 -14.52 29.30 14.26
CA ALA D 44 -14.98 28.88 12.94
C ALA D 44 -15.20 30.08 12.01
N ILE D 45 -14.48 30.08 10.90
CA ILE D 45 -14.62 31.12 9.88
C ILE D 45 -15.88 30.80 9.09
N GLU D 46 -16.85 31.71 9.13
N GLU D 46 -16.85 31.70 9.13
CA GLU D 46 -18.13 31.57 8.44
CA GLU D 46 -18.12 31.52 8.43
C GLU D 46 -17.95 31.36 6.93
C GLU D 46 -17.95 31.35 6.92
N ARG D 47 -17.08 32.17 6.33
CA ARG D 47 -16.80 32.09 4.88
C ARG D 47 -15.33 31.77 4.60
N PRO D 48 -14.99 30.46 4.55
CA PRO D 48 -13.59 30.03 4.36
C PRO D 48 -13.00 30.42 3.00
N ALA D 49 -13.85 30.50 1.98
CA ALA D 49 -13.39 30.80 0.61
C ALA D 49 -13.20 32.31 0.36
N LEU D 50 -13.65 33.14 1.29
CA LEU D 50 -13.52 34.59 1.14
C LEU D 50 -12.07 35.00 0.90
N GLY D 51 -11.83 35.57 -0.28
CA GLY D 51 -10.49 36.02 -0.66
C GLY D 51 -9.73 35.06 -1.57
N LEU D 52 -10.20 33.81 -1.65
CA LEU D 52 -9.56 32.78 -2.48
C LEU D 52 -10.13 32.74 -3.88
N ALA D 53 -11.47 32.76 -3.95
CA ALA D 53 -12.25 32.72 -5.17
C ALA D 53 -13.70 33.04 -4.81
N PRO D 54 -14.48 33.58 -5.77
CA PRO D 54 -15.90 33.89 -5.53
C PRO D 54 -16.70 32.74 -4.90
N ASP D 55 -17.59 33.10 -3.98
CA ASP D 55 -18.42 32.11 -3.27
C ASP D 55 -19.85 32.04 -3.82
N ALA D 56 -20.15 32.86 -4.82
CA ALA D 56 -21.47 32.88 -5.44
C ALA D 56 -21.40 32.45 -6.90
N PRO D 57 -22.28 31.52 -7.33
CA PRO D 57 -23.27 30.83 -6.50
C PRO D 57 -22.59 29.84 -5.54
N PRO D 58 -23.31 29.38 -4.49
CA PRO D 58 -22.71 28.47 -3.50
C PRO D 58 -22.02 27.24 -4.08
N VAL D 59 -20.95 26.79 -3.42
N VAL D 59 -20.97 26.80 -3.39
CA VAL D 59 -20.23 25.59 -3.86
CA VAL D 59 -20.23 25.59 -3.77
C VAL D 59 -21.11 24.34 -3.68
C VAL D 59 -21.18 24.38 -3.67
N ARG D 60 -21.14 23.49 -4.70
N ARG D 60 -21.11 23.49 -4.64
CA ARG D 60 -22.01 22.31 -4.69
CA ARG D 60 -22.01 22.33 -4.66
C ARG D 60 -21.27 21.04 -4.31
C ARG D 60 -21.28 21.04 -4.33
N ILE D 61 -21.73 20.39 -3.24
CA ILE D 61 -21.12 19.16 -2.75
C ILE D 61 -22.12 18.01 -2.63
N LEU D 62 -21.77 16.87 -3.22
CA LEU D 62 -22.56 15.65 -3.08
C LEU D 62 -21.89 14.79 -2.01
N LEU D 63 -22.67 14.34 -1.04
CA LEU D 63 -22.16 13.49 0.03
C LEU D 63 -22.72 12.08 -0.06
N LEU D 64 -21.83 11.10 0.03
CA LEU D 64 -22.16 9.69 -0.05
C LEU D 64 -21.68 8.93 1.18
N TYR D 65 -22.52 8.02 1.69
CA TYR D 65 -22.18 7.17 2.83
C TYR D 65 -22.22 5.68 2.45
N GLY D 66 -21.56 4.84 3.25
CA GLY D 66 -21.44 3.41 2.94
C GLY D 66 -22.06 2.38 3.86
N SER D 67 -23.19 2.71 4.47
CA SER D 67 -23.88 1.74 5.33
C SER D 67 -25.38 1.79 5.10
N LEU D 68 -25.99 0.62 5.12
CA LEU D 68 -27.43 0.48 4.95
C LEU D 68 -28.15 0.38 6.29
N ARG D 69 -27.38 0.11 7.35
CA ARG D 69 -27.94 -0.03 8.71
C ARG D 69 -28.70 1.23 9.12
N ALA D 70 -29.78 1.03 9.87
CA ALA D 70 -30.62 2.13 10.35
C ALA D 70 -29.79 3.17 11.11
N ARG D 71 -28.94 2.70 12.01
CA ARG D 71 -28.07 3.57 12.78
C ARG D 71 -26.64 3.48 12.23
N SER D 72 -26.46 4.12 11.07
CA SER D 72 -25.19 4.16 10.37
C SER D 72 -24.37 5.34 10.85
N PHE D 73 -23.19 5.07 11.40
CA PHE D 73 -22.29 6.13 11.84
C PHE D 73 -21.71 6.85 10.62
N SER D 74 -21.63 6.14 9.49
CA SER D 74 -21.21 6.70 8.22
C SER D 74 -22.14 7.85 7.80
N ARG D 75 -23.44 7.56 7.78
CA ARG D 75 -24.45 8.55 7.41
C ARG D 75 -24.44 9.72 8.39
N LEU D 76 -24.50 9.40 9.69
CA LEU D 76 -24.48 10.43 10.75
C LEU D 76 -23.22 11.29 10.69
N ALA D 77 -22.10 10.68 10.32
CA ALA D 77 -20.85 11.43 10.12
C ALA D 77 -21.01 12.35 8.90
N VAL D 78 -21.59 11.79 7.83
CA VAL D 78 -21.90 12.52 6.61
C VAL D 78 -22.89 13.67 6.86
N GLU D 79 -23.84 13.44 7.78
CA GLU D 79 -24.82 14.46 8.12
C GLU D 79 -24.16 15.62 8.87
N GLU D 80 -23.24 15.31 9.77
CA GLU D 80 -22.50 16.36 10.48
C GLU D 80 -21.64 17.15 9.50
N ALA D 81 -21.10 16.44 8.51
CA ALA D 81 -20.28 17.02 7.47
C ALA D 81 -21.11 18.00 6.63
N ALA D 82 -22.36 17.61 6.38
CA ALA D 82 -23.30 18.43 5.62
C ALA D 82 -23.64 19.72 6.37
N ARG D 83 -23.94 19.61 7.66
CA ARG D 83 -24.26 20.78 8.49
C ARG D 83 -23.10 21.77 8.47
N LEU D 84 -21.88 21.24 8.59
CA LEU D 84 -20.67 22.06 8.56
C LEU D 84 -20.51 22.74 7.21
N LEU D 85 -20.74 21.98 6.14
CA LEU D 85 -20.66 22.52 4.77
C LEU D 85 -21.66 23.65 4.52
N GLN D 86 -22.90 23.46 4.98
CA GLN D 86 -23.93 24.48 4.81
C GLN D 86 -23.57 25.75 5.58
N PHE D 87 -22.99 25.56 6.77
CA PHE D 87 -22.52 26.67 7.61
C PHE D 87 -21.45 27.47 6.89
N PHE D 88 -20.58 26.77 6.17
CA PHE D 88 -19.52 27.41 5.38
C PHE D 88 -20.04 28.01 4.08
N GLY D 89 -21.37 28.03 3.90
CA GLY D 89 -21.99 28.63 2.71
C GLY D 89 -22.09 27.74 1.48
N ALA D 90 -21.87 26.43 1.67
CA ALA D 90 -21.98 25.48 0.58
C ALA D 90 -23.39 24.91 0.48
N GLU D 91 -23.75 24.46 -0.71
CA GLU D 91 -25.02 23.80 -0.95
C GLU D 91 -24.72 22.31 -0.92
N THR D 92 -25.53 21.53 -0.20
CA THR D 92 -25.29 20.09 -0.07
C THR D 92 -26.43 19.21 -0.59
N ARG D 93 -26.09 17.97 -0.89
CA ARG D 93 -27.03 16.96 -1.35
C ARG D 93 -26.50 15.63 -0.83
N ILE D 94 -27.31 14.92 -0.04
CA ILE D 94 -26.90 13.61 0.48
C ILE D 94 -27.71 12.52 -0.19
N PHE D 95 -27.05 11.73 -1.03
CA PHE D 95 -27.69 10.63 -1.74
C PHE D 95 -28.06 9.48 -0.82
N ASP D 96 -29.24 8.93 -1.04
CA ASP D 96 -29.76 7.80 -0.28
C ASP D 96 -29.72 6.56 -1.18
N PRO D 97 -28.74 5.67 -0.92
CA PRO D 97 -28.53 4.48 -1.75
C PRO D 97 -29.41 3.29 -1.39
N SER D 98 -30.44 3.50 -0.58
CA SER D 98 -31.33 2.43 -0.14
C SER D 98 -31.64 1.40 -1.22
N ASP D 99 -32.03 1.87 -2.41
CA ASP D 99 -32.45 0.96 -3.48
C ASP D 99 -31.47 0.85 -4.66
N LEU D 100 -30.29 1.45 -4.52
CA LEU D 100 -29.28 1.32 -5.56
C LEU D 100 -28.91 -0.16 -5.63
N PRO D 101 -28.90 -0.75 -6.84
CA PRO D 101 -28.52 -2.14 -6.95
C PRO D 101 -27.11 -2.35 -6.42
N LEU D 102 -26.93 -3.41 -5.64
CA LEU D 102 -25.62 -3.73 -5.09
C LEU D 102 -24.79 -4.47 -6.15
N PRO D 103 -23.46 -4.48 -5.99
CA PRO D 103 -22.51 -4.97 -7.02
C PRO D 103 -22.81 -6.33 -7.66
N ASP D 104 -23.32 -7.27 -6.90
CA ASP D 104 -23.59 -8.61 -7.41
C ASP D 104 -25.03 -8.79 -7.88
N GLN D 105 -25.84 -7.76 -7.66
CA GLN D 105 -27.25 -7.77 -8.07
C GLN D 105 -27.41 -7.38 -9.53
N VAL D 106 -28.59 -7.64 -10.10
CA VAL D 106 -28.89 -7.34 -11.50
C VAL D 106 -28.54 -5.89 -11.85
N GLN D 107 -27.47 -5.72 -12.61
CA GLN D 107 -27.00 -4.39 -13.01
C GLN D 107 -27.68 -3.92 -14.29
N SER D 108 -28.04 -2.64 -14.29
CA SER D 108 -28.69 -1.98 -15.42
C SER D 108 -28.64 -0.48 -15.18
N ASP D 109 -27.79 0.24 -15.93
CA ASP D 109 -27.67 1.69 -15.76
C ASP D 109 -28.92 2.49 -16.21
N ASP D 110 -30.00 1.77 -16.48
CA ASP D 110 -31.30 2.37 -16.78
C ASP D 110 -32.16 2.41 -15.51
N HIS D 111 -31.58 1.93 -14.41
CA HIS D 111 -32.23 1.90 -13.10
C HIS D 111 -32.36 3.32 -12.54
N PRO D 112 -33.55 3.67 -12.01
CA PRO D 112 -33.86 5.00 -11.46
C PRO D 112 -32.83 5.54 -10.46
N ALA D 113 -32.35 4.69 -9.56
CA ALA D 113 -31.35 5.10 -8.55
C ALA D 113 -30.00 5.41 -9.18
N VAL D 114 -29.62 4.62 -10.19
CA VAL D 114 -28.37 4.83 -10.92
C VAL D 114 -28.43 6.17 -11.66
N LYS D 115 -29.56 6.41 -12.32
CA LYS D 115 -29.80 7.66 -13.07
C LYS D 115 -29.74 8.90 -12.17
N GLU D 116 -30.37 8.82 -11.01
CA GLU D 116 -30.34 9.94 -10.05
C GLU D 116 -28.95 10.14 -9.45
N LEU D 117 -28.21 9.04 -9.23
CA LEU D 117 -26.83 9.14 -8.71
C LEU D 117 -25.95 9.86 -9.72
N ARG D 118 -26.10 9.52 -11.01
CA ARG D 118 -25.37 10.21 -12.07
C ARG D 118 -25.72 11.70 -12.15
N ALA D 119 -27.01 11.99 -12.01
CA ALA D 119 -27.51 13.36 -12.05
C ALA D 119 -26.91 14.21 -10.93
N LEU D 120 -26.88 13.64 -9.72
CA LEU D 120 -26.30 14.31 -8.56
C LEU D 120 -24.80 14.52 -8.74
N SER D 121 -24.13 13.54 -9.34
CA SER D 121 -22.71 13.62 -9.60
C SER D 121 -22.37 14.77 -10.57
N GLU D 122 -23.10 14.86 -11.68
CA GLU D 122 -22.89 15.95 -12.65
C GLU D 122 -23.22 17.30 -12.00
N TRP D 123 -24.16 17.29 -11.07
CA TRP D 123 -24.55 18.48 -10.30
C TRP D 123 -23.39 19.00 -9.43
N SER D 124 -22.79 18.09 -8.66
CA SER D 124 -21.71 18.44 -7.72
C SER D 124 -20.48 19.07 -8.36
N GLU D 125 -19.80 19.90 -7.57
CA GLU D 125 -18.55 20.52 -7.97
C GLU D 125 -17.47 19.88 -7.11
N GLY D 126 -17.91 19.27 -6.01
CA GLY D 126 -17.03 18.51 -5.11
C GLY D 126 -17.84 17.43 -4.43
N GLN D 127 -17.15 16.43 -3.86
CA GLN D 127 -17.84 15.31 -3.21
C GLN D 127 -17.20 14.85 -1.90
N VAL D 128 -18.02 14.20 -1.07
CA VAL D 128 -17.58 13.60 0.19
C VAL D 128 -17.99 12.13 0.20
N TRP D 129 -17.00 11.23 0.34
CA TRP D 129 -17.32 9.80 0.48
C TRP D 129 -16.96 9.30 1.88
N CYS D 130 -17.92 8.69 2.56
CA CYS D 130 -17.65 8.15 3.88
C CYS D 130 -18.05 6.69 3.97
N SER D 131 -17.07 5.84 4.25
CA SER D 131 -17.32 4.40 4.34
C SER D 131 -16.87 3.78 5.65
N PRO D 132 -17.62 2.79 6.16
CA PRO D 132 -17.11 2.07 7.32
C PRO D 132 -15.95 1.21 6.85
N GLU D 133 -15.03 0.85 7.75
CA GLU D 133 -13.98 -0.07 7.35
C GLU D 133 -14.31 -1.46 7.88
N ARG D 134 -14.82 -2.32 6.99
N ARG D 134 -14.79 -2.32 6.98
CA ARG D 134 -15.12 -3.69 7.35
CA ARG D 134 -15.14 -3.70 7.32
C ARG D 134 -13.94 -4.56 6.95
C ARG D 134 -13.93 -4.56 6.94
N HIS D 135 -13.17 -4.98 7.96
CA HIS D 135 -11.95 -5.80 7.80
C HIS D 135 -10.94 -5.34 6.75
N GLY D 136 -10.66 -4.03 6.77
CA GLY D 136 -9.70 -3.45 5.83
C GLY D 136 -10.26 -3.11 4.47
N GLN D 137 -11.58 -3.14 4.34
CA GLN D 137 -12.23 -2.86 3.07
C GLN D 137 -13.41 -1.90 3.19
N ILE D 138 -13.73 -1.20 2.10
CA ILE D 138 -14.91 -0.36 2.07
C ILE D 138 -16.12 -1.28 1.85
N THR D 139 -17.33 -0.76 2.04
CA THR D 139 -18.54 -1.59 1.94
C THR D 139 -19.15 -1.69 0.52
N SER D 140 -19.89 -2.77 0.28
CA SER D 140 -20.57 -3.01 -1.00
C SER D 140 -21.36 -1.79 -1.47
N VAL D 141 -22.13 -1.20 -0.56
CA VAL D 141 -22.97 -0.04 -0.87
C VAL D 141 -22.11 1.20 -1.20
N MET D 142 -20.91 1.26 -0.65
CA MET D 142 -19.98 2.33 -0.99
C MET D 142 -19.45 2.06 -2.40
N LYS D 143 -18.99 0.83 -2.64
CA LYS D 143 -18.47 0.42 -3.96
C LYS D 143 -19.50 0.64 -5.06
N ALA D 144 -20.71 0.15 -4.83
CA ALA D 144 -21.80 0.26 -5.80
C ALA D 144 -22.00 1.72 -6.22
N GLN D 145 -21.97 2.63 -5.24
CA GLN D 145 -22.12 4.05 -5.53
C GLN D 145 -21.01 4.55 -6.43
N ILE D 146 -19.77 4.30 -6.01
CA ILE D 146 -18.59 4.70 -6.77
C ILE D 146 -18.62 4.12 -8.20
N ASP D 147 -18.95 2.83 -8.30
CA ASP D 147 -19.05 2.14 -9.59
C ASP D 147 -20.09 2.75 -10.54
N HIS D 148 -21.06 3.47 -9.97
CA HIS D 148 -22.13 4.08 -10.77
C HIS D 148 -22.00 5.60 -10.95
N LEU D 149 -20.81 6.13 -10.66
CA LEU D 149 -20.53 7.52 -10.97
C LEU D 149 -20.18 7.54 -12.46
N PRO D 150 -20.54 8.64 -13.18
CA PRO D 150 -20.35 8.72 -14.63
C PRO D 150 -18.95 8.34 -15.12
N ARG D 157 -14.48 9.78 -18.82
CA ARG D 157 -14.17 10.18 -17.45
C ARG D 157 -14.90 11.48 -17.07
N PRO D 158 -16.25 11.46 -17.06
CA PRO D 158 -17.02 12.69 -16.77
C PRO D 158 -16.76 13.32 -15.40
N THR D 159 -16.21 12.54 -14.47
CA THR D 159 -15.91 13.00 -13.09
C THR D 159 -14.73 13.98 -12.96
N GLN D 160 -13.96 14.14 -14.04
CA GLN D 160 -12.77 15.02 -14.09
C GLN D 160 -12.92 16.39 -13.48
N GLY D 161 -11.95 16.77 -12.64
CA GLY D 161 -11.90 18.11 -12.06
C GLY D 161 -12.72 18.37 -10.82
N ARG D 162 -13.57 17.43 -10.44
CA ARG D 162 -14.35 17.57 -9.22
C ARG D 162 -13.47 17.22 -8.04
N THR D 163 -13.67 17.90 -6.92
CA THR D 163 -12.87 17.67 -5.74
C THR D 163 -13.48 16.55 -4.92
N LEU D 164 -12.72 16.08 -3.92
CA LEU D 164 -13.18 14.97 -3.11
C LEU D 164 -12.56 14.98 -1.72
N ALA D 165 -13.39 14.69 -0.72
CA ALA D 165 -12.91 14.51 0.63
C ALA D 165 -13.31 13.09 1.06
N VAL D 166 -12.36 12.35 1.61
CA VAL D 166 -12.64 10.98 2.07
C VAL D 166 -12.73 10.87 3.60
N MET D 167 -13.62 10.01 4.06
CA MET D 167 -13.87 9.80 5.47
C MET D 167 -14.13 8.32 5.71
N GLN D 168 -13.82 7.85 6.91
CA GLN D 168 -14.18 6.48 7.29
C GLN D 168 -14.57 6.42 8.75
N VAL D 169 -15.30 5.37 9.10
CA VAL D 169 -15.68 5.10 10.49
C VAL D 169 -15.33 3.65 10.79
N SER D 170 -15.04 3.38 12.06
CA SER D 170 -14.71 2.04 12.49
C SER D 170 -15.16 1.83 13.92
N GLY D 171 -15.56 0.60 14.24
CA GLY D 171 -15.95 0.23 15.59
C GLY D 171 -14.75 -0.06 16.46
N GLY D 172 -13.58 -0.24 15.84
CA GLY D 172 -12.35 -0.51 16.56
C GLY D 172 -11.33 0.60 16.48
N SER D 173 -10.05 0.22 16.61
CA SER D 173 -8.92 1.16 16.56
C SER D 173 -8.87 1.94 15.26
N GLN D 174 -8.32 3.14 15.33
CA GLN D 174 -8.21 4.00 14.16
C GLN D 174 -7.24 3.41 13.13
N SER D 175 -7.76 3.25 11.92
CA SER D 175 -6.99 2.74 10.79
C SER D 175 -7.31 3.62 9.60
N PHE D 176 -6.60 3.42 8.50
CA PHE D 176 -6.78 4.27 7.35
C PHE D 176 -6.96 3.50 6.04
N ASN D 177 -7.21 2.20 6.14
CA ASN D 177 -7.38 1.37 4.95
C ASN D 177 -8.52 1.80 4.03
N ALA D 178 -9.68 2.10 4.62
CA ALA D 178 -10.84 2.56 3.85
C ALA D 178 -10.59 3.90 3.17
N VAL D 179 -10.14 4.90 3.91
CA VAL D 179 -9.86 6.21 3.31
C VAL D 179 -8.79 6.14 2.23
N ASN D 180 -7.79 5.27 2.40
CA ASN D 180 -6.75 5.11 1.40
C ASN D 180 -7.30 4.47 0.12
N THR D 181 -8.22 3.52 0.31
CA THR D 181 -8.89 2.87 -0.81
C THR D 181 -9.74 3.90 -1.56
N LEU D 182 -10.52 4.68 -0.81
CA LEU D 182 -11.37 5.74 -1.37
C LEU D 182 -10.53 6.75 -2.18
N ARG D 183 -9.41 7.17 -1.60
CA ARG D 183 -8.51 8.11 -2.25
C ARG D 183 -8.01 7.59 -3.61
N LEU D 184 -7.63 6.32 -3.67
CA LEU D 184 -7.11 5.79 -4.92
C LEU D 184 -8.21 5.62 -5.97
N LEU D 185 -9.42 5.30 -5.53
CA LEU D 185 -10.56 5.21 -6.45
C LEU D 185 -10.88 6.59 -6.99
N GLY D 186 -10.81 7.59 -6.12
CA GLY D 186 -11.05 8.96 -6.54
C GLY D 186 -10.01 9.39 -7.55
N ARG D 187 -8.75 9.01 -7.31
CA ARG D 187 -7.65 9.37 -8.22
C ARG D 187 -7.86 8.72 -9.59
N TRP D 188 -8.27 7.46 -9.58
CA TRP D 188 -8.56 6.72 -10.81
C TRP D 188 -9.64 7.42 -11.64
N MET D 189 -10.61 8.04 -10.97
CA MET D 189 -11.67 8.82 -11.64
C MET D 189 -11.23 10.25 -11.96
N ARG D 190 -9.95 10.53 -11.69
CA ARG D 190 -9.34 11.84 -11.93
C ARG D 190 -9.94 12.97 -11.12
N MET D 191 -10.45 12.64 -9.93
CA MET D 191 -10.93 13.66 -9.02
C MET D 191 -9.75 14.14 -8.20
N PHE D 192 -9.84 15.35 -7.68
CA PHE D 192 -8.78 15.88 -6.84
C PHE D 192 -9.15 15.64 -5.36
N THR D 193 -8.52 14.65 -4.75
CA THR D 193 -8.82 14.30 -3.37
C THR D 193 -8.00 15.22 -2.49
N ILE D 194 -8.64 15.96 -1.59
CA ILE D 194 -7.88 16.88 -0.72
C ILE D 194 -7.04 16.09 0.30
N PRO D 195 -5.94 16.70 0.82
CA PRO D 195 -5.12 15.97 1.79
C PRO D 195 -5.86 15.63 3.11
N ASN D 196 -6.61 16.57 3.68
CA ASN D 196 -7.25 16.31 4.96
C ASN D 196 -8.36 15.27 4.81
N GLN D 197 -8.52 14.46 5.85
CA GLN D 197 -9.48 13.35 5.84
C GLN D 197 -9.89 13.08 7.27
N SER D 198 -10.98 12.33 7.42
CA SER D 198 -11.53 11.97 8.72
C SER D 198 -11.53 10.45 8.89
N SER D 199 -11.10 10.00 10.06
CA SER D 199 -11.15 8.58 10.41
C SER D 199 -11.59 8.44 11.87
N ILE D 200 -12.86 8.08 12.07
CA ILE D 200 -13.40 8.01 13.43
C ILE D 200 -13.20 6.62 14.00
N ALA D 201 -12.51 6.56 15.13
CA ALA D 201 -12.27 5.29 15.83
C ALA D 201 -13.38 5.05 16.84
N LYS D 202 -13.79 3.79 16.98
CA LYS D 202 -14.84 3.38 17.93
C LYS D 202 -16.06 4.30 17.81
N ALA D 203 -16.49 4.50 16.56
CA ALA D 203 -17.60 5.40 16.21
C ALA D 203 -18.78 5.42 17.19
N PHE D 204 -19.16 4.24 17.67
CA PHE D 204 -20.29 4.13 18.61
C PHE D 204 -20.16 5.06 19.83
N GLN D 205 -18.93 5.26 20.29
CA GLN D 205 -18.64 6.14 21.43
C GLN D 205 -18.78 7.63 21.10
N GLU D 206 -18.88 7.96 19.83
CA GLU D 206 -18.89 9.37 19.40
C GLU D 206 -20.25 9.94 19.01
N PHE D 207 -21.26 9.09 18.93
CA PHE D 207 -22.60 9.54 18.55
C PHE D 207 -23.61 9.26 19.66
N ASP D 208 -24.36 10.29 20.05
CA ASP D 208 -25.40 10.16 21.06
C ASP D 208 -26.62 9.45 20.49
N ALA D 209 -27.67 9.32 21.32
CA ALA D 209 -28.91 8.66 20.89
C ALA D 209 -29.60 9.40 19.74
N ALA D 210 -29.51 10.72 19.73
CA ALA D 210 -30.15 11.56 18.71
C ALA D 210 -29.41 11.51 17.37
N GLY D 211 -28.33 10.74 17.32
CA GLY D 211 -27.54 10.61 16.10
C GLY D 211 -26.53 11.73 15.90
N ARG D 212 -26.54 12.71 16.80
CA ARG D 212 -25.58 13.82 16.71
C ARG D 212 -24.21 13.40 17.23
N MET D 213 -23.18 14.05 16.70
CA MET D 213 -21.81 13.74 17.09
C MET D 213 -21.40 14.55 18.31
N LYS D 214 -20.66 13.90 19.21
CA LYS D 214 -20.17 14.51 20.45
C LYS D 214 -18.96 15.42 20.19
N PRO D 215 -18.81 16.50 20.98
CA PRO D 215 -17.67 17.41 20.88
C PRO D 215 -16.35 16.67 21.13
N SER D 216 -15.52 16.57 20.09
CA SER D 216 -14.27 15.82 20.19
C SER D 216 -13.29 16.23 19.09
N PRO D 217 -12.01 15.84 19.24
CA PRO D 217 -11.04 16.05 18.17
C PRO D 217 -11.55 15.52 16.82
N TYR D 218 -12.29 14.40 16.85
CA TYR D 218 -12.89 13.82 15.64
C TYR D 218 -13.83 14.80 14.93
N TYR D 219 -14.68 15.48 15.71
CA TYR D 219 -15.60 16.46 15.13
C TYR D 219 -14.81 17.66 14.60
N ASP D 220 -13.83 18.10 15.39
CA ASP D 220 -12.94 19.19 14.99
C ASP D 220 -12.28 18.88 13.65
N ARG D 221 -11.93 17.61 13.45
CA ARG D 221 -11.31 17.17 12.21
C ARG D 221 -12.28 17.27 11.04
N ILE D 222 -13.53 16.87 11.23
CA ILE D 222 -14.51 16.96 10.14
C ILE D 222 -14.68 18.43 9.77
N ALA D 223 -14.72 19.30 10.78
CA ALA D 223 -14.80 20.75 10.52
C ALA D 223 -13.65 21.18 9.60
N ASP D 224 -12.42 20.83 9.99
CA ASP D 224 -11.21 21.12 9.20
C ASP D 224 -11.30 20.61 7.75
N VAL D 225 -11.77 19.36 7.61
CA VAL D 225 -11.87 18.74 6.29
C VAL D 225 -12.85 19.50 5.39
N MET D 226 -14.02 19.83 5.95
CA MET D 226 -15.06 20.57 5.22
C MET D 226 -14.64 22.01 4.93
N GLU D 227 -13.90 22.61 5.86
CA GLU D 227 -13.33 23.94 5.69
C GLU D 227 -12.38 23.93 4.48
N GLU D 228 -11.49 22.94 4.47
CA GLU D 228 -10.52 22.75 3.39
C GLU D 228 -11.19 22.45 2.06
N LEU D 229 -12.19 21.57 2.10
CA LEU D 229 -12.92 21.20 0.88
C LEU D 229 -13.65 22.39 0.26
N VAL D 230 -14.19 23.28 1.09
CA VAL D 230 -14.88 24.48 0.57
C VAL D 230 -13.88 25.43 -0.07
N ARG D 231 -12.78 25.66 0.64
CA ARG D 231 -11.73 26.54 0.16
C ARG D 231 -11.19 26.05 -1.17
N PHE D 232 -10.85 24.76 -1.24
CA PHE D 232 -10.24 24.18 -2.43
C PHE D 232 -11.22 24.08 -3.60
N THR D 233 -12.47 23.70 -3.33
CA THR D 233 -13.48 23.59 -4.40
C THR D 233 -13.77 24.96 -5.05
N ALA D 234 -13.96 25.99 -4.24
CA ALA D 234 -14.17 27.34 -4.77
C ALA D 234 -13.01 27.75 -5.66
N LEU D 235 -11.81 27.36 -5.26
CA LEU D 235 -10.58 27.67 -5.98
C LEU D 235 -10.51 26.99 -7.36
N VAL D 236 -10.78 25.69 -7.41
CA VAL D 236 -10.63 24.92 -8.65
C VAL D 236 -11.87 24.93 -9.58
N ARG D 237 -13.06 25.05 -9.01
CA ARG D 237 -14.31 24.97 -9.79
C ARG D 237 -14.44 25.85 -11.05
N PRO D 238 -13.91 27.09 -11.04
CA PRO D 238 -14.11 27.88 -12.26
C PRO D 238 -13.14 27.55 -13.38
N HIS D 239 -12.21 26.64 -13.12
CA HIS D 239 -11.15 26.34 -14.08
C HIS D 239 -11.16 24.90 -14.60
N ARG D 240 -12.29 24.21 -14.46
CA ARG D 240 -12.42 22.81 -14.87
C ARG D 240 -11.97 22.50 -16.31
N GLU D 241 -12.42 23.32 -17.26
N GLU D 241 -12.44 23.30 -17.28
CA GLU D 241 -12.10 23.18 -18.68
CA GLU D 241 -12.09 23.13 -18.69
C GLU D 241 -10.58 23.20 -18.86
C GLU D 241 -10.58 23.23 -18.94
N ALA D 242 -9.99 24.32 -18.48
CA ALA D 242 -8.55 24.56 -18.61
C ALA D 242 -7.72 23.46 -17.94
N LEU D 243 -8.12 23.06 -16.74
CA LEU D 243 -7.37 22.03 -16.02
C LEU D 243 -7.41 20.67 -16.70
N THR D 244 -8.45 20.46 -17.50
CA THR D 244 -8.61 19.20 -18.21
C THR D 244 -8.31 19.30 -19.71
N ASP D 245 -7.72 20.43 -20.11
CA ASP D 245 -7.29 20.65 -21.50
C ASP D 245 -5.83 20.16 -21.58
N ARG D 246 -5.67 18.88 -21.90
CA ARG D 246 -4.36 18.21 -21.85
C ARG D 246 -3.60 18.13 -23.16
N TYR D 247 -2.28 18.24 -23.04
CA TYR D 247 -1.36 18.14 -24.18
C TYR D 247 -1.58 16.88 -25.02
N SER D 248 -1.60 15.71 -24.40
CA SER D 248 -1.76 14.45 -25.14
C SER D 248 -3.11 14.39 -25.87
N GLU D 249 -4.14 14.96 -25.25
CA GLU D 249 -5.47 15.01 -25.87
C GLU D 249 -5.49 15.92 -27.10
N ARG D 250 -4.83 17.07 -26.99
CA ARG D 250 -4.68 17.96 -28.14
C ARG D 250 -3.88 17.27 -29.26
N LYS D 251 -2.83 16.53 -28.88
CA LYS D 251 -2.05 15.80 -29.89
C LYS D 251 -2.91 14.78 -30.64
N ALA D 252 -3.62 13.94 -29.88
CA ALA D 252 -4.48 12.89 -30.42
C ALA D 252 -5.57 13.42 -31.34
N ALA D 253 -6.13 14.58 -31.00
CA ALA D 253 -7.21 15.18 -31.77
C ALA D 253 -6.72 16.05 -32.92
N GLY D 254 -5.42 16.34 -32.94
CA GLY D 254 -4.82 17.16 -33.99
C GLY D 254 -5.08 18.65 -33.81
N HIS D 255 -5.42 19.03 -32.57
CA HIS D 255 -5.70 20.44 -32.26
C HIS D 255 -4.44 21.28 -32.12
N VAL D 256 -3.91 21.71 -33.25
CA VAL D 256 -2.70 22.53 -33.31
C VAL D 256 -2.97 23.89 -32.63
N ILE D 257 -2.16 24.18 -31.61
CA ILE D 257 -2.27 25.40 -30.81
C ILE D 257 -2.33 26.70 -31.63
N ASP D 258 -3.19 27.61 -31.18
CA ASP D 258 -3.37 28.92 -31.80
C ASP D 258 -2.02 29.62 -31.94
N GLU D 259 -1.59 29.77 -33.20
CA GLU D 259 -0.35 30.44 -33.54
C GLU D 259 0.83 30.00 -32.67
N ALA D 260 1.16 28.71 -32.74
CA ALA D 260 2.33 28.14 -32.05
C ALA D 260 3.46 27.97 -33.06
N THR D 261 3.12 28.14 -34.34
CA THR D 261 4.06 28.00 -35.43
C THR D 261 4.30 29.36 -36.07
N ASP D 262 5.25 29.40 -37.01
CA ASP D 262 5.55 30.63 -37.73
C ASP D 262 4.76 30.73 -39.05
N LEU D 263 3.66 29.98 -39.13
CA LEU D 263 2.78 30.01 -40.29
C LEU D 263 1.44 30.66 -39.95
N SER D 264 0.79 31.21 -40.97
CA SER D 264 -0.52 31.84 -40.79
C SER D 264 -1.62 30.80 -40.63
N SER D 265 -2.21 30.76 -39.43
CA SER D 265 -3.29 29.83 -39.11
C SER D 265 -4.64 30.30 -39.66
N ILE D 266 -5.46 29.39 -40.20
CA ILE D 266 -5.12 27.97 -40.31
C ILE D 266 -5.36 27.46 -41.73
CA CA E . 22.96 -17.21 28.11
CL CL F . 1.02 -8.13 19.31
CL CL G . 3.58 -14.20 3.96
#